data_1BZG
#
_entry.id   1BZG
#
_cell.length_a   1.000
_cell.length_b   1.000
_cell.length_c   1.000
_cell.angle_alpha   90.00
_cell.angle_beta   90.00
_cell.angle_gamma   90.00
#
_symmetry.space_group_name_H-M   'P 1'
#
_entity_poly.entity_id   1
_entity_poly.type   'polypeptide(L)'
_entity_poly.pdbx_seq_one_letter_code
;AVSEHQLLHDKGKSIQDLRRRFFLHHLIAEIHTA
;
_entity_poly.pdbx_strand_id   A
#
# COMPACT_ATOMS: atom_id res chain seq x y z
N ALA A 1 15.72 3.70 -10.66
CA ALA A 1 16.13 2.89 -11.84
C ALA A 1 15.03 1.88 -12.18
N VAL A 2 13.84 2.37 -12.45
CA VAL A 2 12.72 1.44 -12.79
C VAL A 2 13.22 0.36 -13.74
N SER A 3 12.55 -0.76 -13.78
CA SER A 3 12.98 -1.86 -14.70
C SER A 3 12.03 -1.92 -15.89
N GLU A 4 12.19 -2.91 -16.74
CA GLU A 4 11.29 -3.02 -17.93
C GLU A 4 9.98 -3.70 -17.51
N HIS A 5 10.04 -4.96 -17.16
CA HIS A 5 8.80 -5.67 -16.75
C HIS A 5 8.02 -4.82 -15.75
N GLN A 6 8.69 -3.99 -15.00
CA GLN A 6 7.96 -3.15 -14.03
C GLN A 6 6.80 -2.49 -14.79
N LEU A 7 5.92 -1.81 -14.12
CA LEU A 7 4.78 -1.22 -14.86
C LEU A 7 3.90 -2.38 -15.31
N LEU A 8 4.37 -3.17 -16.25
CA LEU A 8 3.60 -4.34 -16.64
C LEU A 8 3.56 -5.22 -15.41
N HIS A 9 4.62 -5.16 -14.65
CA HIS A 9 4.75 -5.94 -13.41
C HIS A 9 4.41 -5.04 -12.21
N ASP A 10 3.35 -4.27 -12.32
CA ASP A 10 2.93 -3.37 -11.21
C ASP A 10 3.43 -3.87 -9.86
N LYS A 11 3.24 -5.14 -9.59
CA LYS A 11 3.71 -5.70 -8.29
C LYS A 11 5.11 -5.17 -7.99
N GLY A 12 5.20 -4.10 -7.26
CA GLY A 12 6.54 -3.51 -6.95
C GLY A 12 6.37 -2.01 -6.75
N LYS A 13 5.51 -1.38 -7.51
CA LYS A 13 5.30 0.08 -7.37
C LYS A 13 4.91 0.39 -5.95
N SER A 14 4.35 1.55 -5.72
CA SER A 14 3.99 1.91 -4.34
C SER A 14 2.83 1.05 -3.86
N ILE A 15 3.06 -0.22 -3.87
CA ILE A 15 2.07 -1.20 -3.38
C ILE A 15 2.78 -1.81 -2.19
N GLN A 16 4.02 -2.15 -2.41
CA GLN A 16 4.86 -2.61 -1.30
C GLN A 16 4.96 -1.41 -0.37
N ASP A 17 4.88 -0.23 -0.96
CA ASP A 17 4.93 1.01 -0.16
C ASP A 17 3.52 1.37 0.30
N LEU A 18 2.53 1.26 -0.57
CA LEU A 18 1.14 1.56 -0.10
C LEU A 18 0.95 0.76 1.18
N ARG A 19 1.67 -0.31 1.27
CA ARG A 19 1.62 -1.17 2.48
C ARG A 19 2.22 -0.37 3.63
N ARG A 20 3.38 0.20 3.41
CA ARG A 20 4.01 0.99 4.49
C ARG A 20 3.16 2.22 4.79
N ARG A 21 2.20 2.49 3.94
CA ARG A 21 1.28 3.61 4.24
C ARG A 21 0.32 3.09 5.28
N PHE A 22 0.06 1.81 5.20
CA PHE A 22 -0.81 1.15 6.19
C PHE A 22 0.08 0.60 7.30
N PHE A 23 1.34 0.38 6.99
CA PHE A 23 2.34 -0.15 7.98
C PHE A 23 1.83 0.04 9.42
N LEU A 24 1.91 1.24 9.91
CA LEU A 24 1.42 1.51 11.29
C LEU A 24 -0.11 1.49 11.28
N HIS A 25 -0.71 1.94 10.22
CA HIS A 25 -2.20 1.92 10.16
C HIS A 25 -2.70 0.49 10.37
N HIS A 26 -1.94 -0.48 9.94
CA HIS A 26 -2.34 -1.90 10.10
C HIS A 26 -2.07 -2.37 11.53
N LEU A 27 -0.85 -2.24 11.97
CA LEU A 27 -0.50 -2.69 13.35
C LEU A 27 -1.09 -1.72 14.37
N ILE A 28 -1.66 -0.64 13.92
CA ILE A 28 -2.26 0.33 14.87
C ILE A 28 -3.46 1.02 14.22
N ALA A 29 -4.43 0.25 13.79
CA ALA A 29 -5.64 0.85 13.15
C ALA A 29 -6.38 -0.23 12.36
N GLU A 30 -7.35 -0.85 12.96
CA GLU A 30 -8.11 -1.91 12.24
C GLU A 30 -9.07 -2.62 13.21
N ILE A 31 -10.34 -2.34 13.11
CA ILE A 31 -11.32 -3.00 14.01
C ILE A 31 -12.39 -3.71 13.18
N HIS A 32 -12.38 -5.01 13.15
CA HIS A 32 -13.38 -5.75 12.36
C HIS A 32 -14.79 -5.40 12.85
N THR A 33 -15.40 -4.38 12.30
CA THR A 33 -16.77 -4.00 12.73
C THR A 33 -16.86 -4.07 14.25
N ALA A 34 -16.00 -3.38 14.94
CA ALA A 34 -16.04 -3.40 16.44
C ALA A 34 -15.87 -4.85 16.92
N ALA A 1 -2.12 4.44 -24.73
CA ALA A 1 -3.38 3.65 -24.64
C ALA A 1 -3.09 2.30 -23.97
N VAL A 2 -1.89 1.80 -24.12
CA VAL A 2 -1.54 0.50 -23.50
C VAL A 2 -2.12 0.45 -22.08
N SER A 3 -2.43 -0.72 -21.60
CA SER A 3 -2.99 -0.84 -20.22
C SER A 3 -2.10 -0.05 -19.25
N GLU A 4 -2.70 0.66 -18.33
CA GLU A 4 -1.89 1.45 -17.36
C GLU A 4 -1.49 0.55 -16.19
N HIS A 5 -2.39 -0.30 -15.76
CA HIS A 5 -2.07 -1.20 -14.63
C HIS A 5 -0.67 -1.78 -14.80
N GLN A 6 -0.30 -2.12 -16.00
CA GLN A 6 1.06 -2.67 -16.21
C GLN A 6 2.06 -1.81 -15.44
N LEU A 7 3.22 -2.33 -15.16
CA LEU A 7 4.22 -1.54 -14.39
C LEU A 7 3.82 -1.46 -12.92
N LEU A 8 2.59 -1.11 -12.63
CA LEU A 8 2.15 -1.02 -11.23
C LEU A 8 2.19 -2.42 -10.59
N HIS A 9 2.41 -3.44 -11.36
CA HIS A 9 2.46 -4.81 -10.80
C HIS A 9 3.80 -4.99 -10.14
N ASP A 10 4.77 -4.45 -10.79
CA ASP A 10 6.16 -4.48 -10.29
C ASP A 10 6.19 -4.34 -8.77
N LYS A 11 6.19 -5.43 -8.06
CA LYS A 11 6.22 -5.34 -6.57
C LYS A 11 7.33 -4.36 -6.17
N GLY A 12 6.95 -3.22 -5.65
CA GLY A 12 7.95 -2.20 -5.23
C GLY A 12 7.33 -0.81 -5.43
N LYS A 13 6.54 -0.66 -6.46
CA LYS A 13 5.89 0.65 -6.72
C LYS A 13 5.12 1.08 -5.49
N SER A 14 4.27 2.05 -5.62
CA SER A 14 3.52 2.49 -4.43
C SER A 14 2.47 1.45 -4.07
N ILE A 15 2.96 0.32 -3.72
CA ILE A 15 2.13 -0.82 -3.30
C ILE A 15 3.01 -1.49 -2.27
N GLN A 16 4.21 -1.72 -2.67
CA GLN A 16 5.22 -2.22 -1.76
C GLN A 16 5.25 -1.24 -0.60
N ASP A 17 4.91 -0.02 -0.91
CA ASP A 17 4.87 1.05 0.12
C ASP A 17 3.42 1.23 0.54
N LEU A 18 2.49 1.09 -0.36
CA LEU A 18 1.07 1.20 0.04
C LEU A 18 0.91 0.28 1.25
N ARG A 19 1.74 -0.73 1.28
CA ARG A 19 1.75 -1.67 2.41
C ARG A 19 2.30 -0.95 3.63
N ARG A 20 3.35 -0.20 3.43
CA ARG A 20 3.93 0.55 4.56
C ARG A 20 3.05 1.77 4.81
N ARG A 21 2.34 2.20 3.82
CA ARG A 21 1.41 3.33 4.06
C ARG A 21 0.42 2.79 5.09
N PHE A 22 0.20 1.49 5.04
CA PHE A 22 -0.70 0.84 6.03
C PHE A 22 0.15 0.35 7.19
N PHE A 23 1.41 0.03 6.92
CA PHE A 23 2.34 -0.49 7.99
C PHE A 23 1.86 -0.06 9.38
N LEU A 24 2.03 1.19 9.70
CA LEU A 24 1.58 1.69 11.03
C LEU A 24 0.06 1.62 11.11
N HIS A 25 -0.62 1.94 10.04
CA HIS A 25 -2.11 1.89 10.06
C HIS A 25 -2.56 0.49 10.49
N HIS A 26 -1.97 -0.53 9.96
CA HIS A 26 -2.37 -1.91 10.33
C HIS A 26 -2.18 -2.12 11.84
N LEU A 27 -1.10 -1.65 12.38
CA LEU A 27 -0.84 -1.85 13.83
C LEU A 27 -1.75 -0.96 14.67
N ILE A 28 -2.61 -0.19 14.04
CA ILE A 28 -3.52 0.68 14.83
C ILE A 28 -4.97 0.50 14.36
N ALA A 29 -5.16 0.16 13.12
CA ALA A 29 -6.54 -0.04 12.61
C ALA A 29 -6.48 -0.31 11.11
N GLU A 30 -7.43 -1.05 10.59
CA GLU A 30 -7.43 -1.36 9.14
C GLU A 30 -8.80 -1.11 8.56
N ILE A 31 -8.90 -1.01 7.26
CA ILE A 31 -10.20 -0.77 6.62
C ILE A 31 -10.54 -1.94 5.69
N HIS A 32 -11.30 -2.88 6.18
CA HIS A 32 -11.67 -4.06 5.35
C HIS A 32 -11.95 -3.63 3.91
N THR A 33 -11.06 -3.94 3.01
CA THR A 33 -11.27 -3.55 1.59
C THR A 33 -11.64 -4.79 0.77
N ALA A 34 -12.88 -5.17 0.78
CA ALA A 34 -13.29 -6.37 -0.01
C ALA A 34 -14.44 -5.99 -0.94
N ALA A 1 -1.06 -7.63 -20.64
CA ALA A 1 -1.11 -6.14 -20.54
C ALA A 1 -0.60 -5.52 -21.84
N VAL A 2 -1.01 -4.33 -22.13
CA VAL A 2 -0.56 -3.66 -23.39
C VAL A 2 0.95 -3.87 -23.57
N SER A 3 1.73 -3.52 -22.59
CA SER A 3 3.21 -3.69 -22.72
C SER A 3 3.71 -4.69 -21.67
N GLU A 4 4.92 -5.15 -21.80
CA GLU A 4 5.46 -6.12 -20.81
C GLU A 4 6.21 -5.37 -19.72
N HIS A 5 7.14 -4.53 -20.09
CA HIS A 5 7.92 -3.77 -19.07
C HIS A 5 6.97 -3.20 -18.03
N GLN A 6 5.97 -2.48 -18.44
CA GLN A 6 5.03 -1.92 -17.44
C GLN A 6 4.67 -3.00 -16.44
N LEU A 7 4.15 -2.64 -15.31
CA LEU A 7 3.81 -3.68 -14.30
C LEU A 7 5.09 -4.15 -13.60
N LEU A 8 6.12 -4.50 -14.34
CA LEU A 8 7.36 -4.95 -13.70
C LEU A 8 7.96 -3.81 -12.88
N HIS A 9 7.88 -2.60 -13.38
CA HIS A 9 8.43 -1.45 -12.64
C HIS A 9 7.43 -1.02 -11.61
N ASP A 10 6.21 -1.13 -12.00
CA ASP A 10 5.09 -0.77 -11.13
C ASP A 10 5.17 -1.53 -9.81
N LYS A 11 5.89 -2.62 -9.79
CA LYS A 11 6.00 -3.40 -8.53
C LYS A 11 6.97 -2.69 -7.59
N GLY A 12 7.46 -1.54 -7.98
CA GLY A 12 8.40 -0.80 -7.09
C GLY A 12 7.74 0.51 -6.63
N LYS A 13 6.53 0.77 -7.08
CA LYS A 13 5.86 2.02 -6.65
C LYS A 13 5.33 1.86 -5.25
N SER A 14 4.36 2.64 -4.90
CA SER A 14 3.81 2.52 -3.55
C SER A 14 2.75 1.44 -3.49
N ILE A 15 3.16 0.29 -3.88
CA ILE A 15 2.29 -0.90 -3.82
C ILE A 15 2.92 -1.71 -2.73
N GLN A 16 4.20 -1.86 -2.84
CA GLN A 16 5.00 -2.50 -1.79
C GLN A 16 5.01 -1.49 -0.65
N ASP A 17 4.83 -0.24 -1.02
CA ASP A 17 4.81 0.84 -0.02
C ASP A 17 3.37 1.08 0.42
N LEU A 18 2.40 0.88 -0.46
CA LEU A 18 0.98 1.04 -0.02
C LEU A 18 0.87 0.23 1.27
N ARG A 19 1.67 -0.79 1.33
CA ARG A 19 1.72 -1.65 2.52
C ARG A 19 2.23 -0.80 3.67
N ARG A 20 3.31 -0.11 3.47
CA ARG A 20 3.85 0.74 4.54
C ARG A 20 2.86 1.88 4.78
N ARG A 21 2.20 2.33 3.76
CA ARG A 21 1.17 3.38 3.98
C ARG A 21 0.26 2.81 5.06
N PHE A 22 0.15 1.51 5.09
CA PHE A 22 -0.67 0.84 6.12
C PHE A 22 0.24 0.37 7.26
N PHE A 23 1.50 0.12 6.96
CA PHE A 23 2.47 -0.36 8.00
C PHE A 23 2.01 0.02 9.40
N LEU A 24 1.98 1.29 9.69
CA LEU A 24 1.52 1.75 11.04
C LEU A 24 0.00 1.69 11.11
N HIS A 25 -0.68 2.08 10.07
CA HIS A 25 -2.17 2.05 10.11
C HIS A 25 -2.63 0.61 10.37
N HIS A 26 -1.85 -0.36 9.98
CA HIS A 26 -2.23 -1.77 10.21
C HIS A 26 -2.12 -2.11 11.70
N LEU A 27 -0.98 -1.88 12.27
CA LEU A 27 -0.78 -2.19 13.71
C LEU A 27 -1.33 -1.05 14.57
N ILE A 28 -1.77 0.02 13.95
CA ILE A 28 -2.32 1.15 14.74
C ILE A 28 -3.86 1.09 14.74
N ALA A 29 -4.42 0.11 14.06
CA ALA A 29 -5.89 -0.03 14.02
C ALA A 29 -6.28 -0.94 12.85
N GLU A 30 -7.32 -1.71 13.01
CA GLU A 30 -7.73 -2.62 11.92
C GLU A 30 -9.26 -2.67 11.83
N ILE A 31 -9.78 -3.26 10.78
CA ILE A 31 -11.25 -3.33 10.63
C ILE A 31 -11.84 -4.08 11.83
N HIS A 32 -12.59 -3.40 12.62
CA HIS A 32 -13.20 -4.02 13.81
C HIS A 32 -13.69 -5.43 13.47
N THR A 33 -13.30 -6.41 14.23
CA THR A 33 -13.74 -7.80 13.94
C THR A 33 -15.26 -7.91 14.11
N ALA A 34 -15.92 -8.62 13.23
CA ALA A 34 -17.40 -8.75 13.34
C ALA A 34 -17.84 -10.05 12.66
N ALA A 1 -3.11 12.86 -15.14
CA ALA A 1 -2.76 12.29 -13.82
C ALA A 1 -2.48 10.79 -13.96
N VAL A 2 -1.35 10.34 -13.48
CA VAL A 2 -1.00 8.89 -13.59
C VAL A 2 -2.24 8.05 -13.28
N SER A 3 -2.30 6.85 -13.80
CA SER A 3 -3.48 5.99 -13.52
C SER A 3 -3.16 5.05 -12.36
N GLU A 4 -4.08 4.91 -11.44
CA GLU A 4 -3.83 4.01 -10.28
C GLU A 4 -3.46 2.62 -10.77
N HIS A 5 -3.99 2.22 -11.89
CA HIS A 5 -3.68 0.86 -12.42
C HIS A 5 -2.17 0.70 -12.63
N GLN A 6 -1.42 1.76 -12.56
CA GLN A 6 0.05 1.65 -12.74
C GLN A 6 0.73 1.31 -11.42
N LEU A 7 0.05 0.57 -10.62
CA LEU A 7 0.60 0.15 -9.31
C LEU A 7 0.66 -1.37 -9.29
N LEU A 8 -0.47 -2.03 -9.24
CA LEU A 8 -0.46 -3.49 -9.26
C LEU A 8 0.28 -3.92 -10.51
N HIS A 9 -0.01 -3.26 -11.60
CA HIS A 9 0.67 -3.56 -12.87
C HIS A 9 2.17 -3.73 -12.64
N ASP A 10 2.85 -2.66 -12.41
CA ASP A 10 4.31 -2.74 -12.20
C ASP A 10 4.61 -3.54 -10.93
N LYS A 11 3.62 -3.77 -10.11
CA LYS A 11 3.84 -4.55 -8.86
C LYS A 11 5.19 -4.21 -8.23
N GLY A 12 5.66 -3.00 -8.44
CA GLY A 12 6.96 -2.60 -7.85
C GLY A 12 6.90 -1.12 -7.45
N LYS A 13 5.73 -0.55 -7.46
CA LYS A 13 5.58 0.87 -7.09
C LYS A 13 5.06 0.99 -5.69
N SER A 14 4.38 2.04 -5.38
CA SER A 14 3.89 2.20 -4.00
C SER A 14 2.79 1.21 -3.72
N ILE A 15 3.13 -0.03 -3.83
CA ILE A 15 2.20 -1.13 -3.51
C ILE A 15 2.84 -1.80 -2.31
N GLN A 16 4.13 -1.99 -2.43
CA GLN A 16 4.92 -2.51 -1.30
C GLN A 16 4.95 -1.35 -0.31
N ASP A 17 4.82 -0.17 -0.83
CA ASP A 17 4.80 1.04 0.02
C ASP A 17 3.35 1.30 0.43
N LEU A 18 2.41 1.10 -0.47
CA LEU A 18 0.99 1.29 -0.06
C LEU A 18 0.82 0.51 1.23
N ARG A 19 1.60 -0.53 1.34
CA ARG A 19 1.60 -1.38 2.54
C ARG A 19 2.19 -0.55 3.69
N ARG A 20 3.39 -0.11 3.53
CA ARG A 20 4.02 0.72 4.60
C ARG A 20 3.16 1.95 4.81
N ARG A 21 2.33 2.27 3.87
CA ARG A 21 1.42 3.42 4.05
C ARG A 21 0.41 2.97 5.09
N PHE A 22 0.13 1.70 5.09
CA PHE A 22 -0.79 1.14 6.10
C PHE A 22 0.03 0.58 7.25
N PHE A 23 1.30 0.32 6.99
CA PHE A 23 2.22 -0.26 8.04
C PHE A 23 1.68 0.03 9.44
N LEU A 24 1.89 1.22 9.92
CA LEU A 24 1.38 1.59 11.27
C LEU A 24 -0.15 1.62 11.23
N HIS A 25 -0.73 2.00 10.12
CA HIS A 25 -2.21 2.04 10.06
C HIS A 25 -2.76 0.64 10.38
N HIS A 26 -2.14 -0.39 9.87
CA HIS A 26 -2.62 -1.76 10.15
C HIS A 26 -2.09 -2.23 11.52
N LEU A 27 -0.82 -2.10 11.74
CA LEU A 27 -0.25 -2.55 13.04
C LEU A 27 -0.20 -1.37 14.02
N ILE A 28 -0.53 -1.61 15.26
CA ILE A 28 -0.49 -0.50 16.27
C ILE A 28 -1.68 0.42 16.07
N ALA A 29 -2.67 -0.02 15.35
CA ALA A 29 -3.88 0.83 15.13
C ALA A 29 -5.10 -0.06 14.92
N GLU A 30 -5.21 -1.11 15.69
CA GLU A 30 -6.37 -2.03 15.55
C GLU A 30 -6.00 -3.38 16.18
N ILE A 31 -6.13 -3.50 17.46
CA ILE A 31 -5.78 -4.80 18.13
C ILE A 31 -7.02 -5.35 18.84
N HIS A 32 -7.63 -6.36 18.29
CA HIS A 32 -8.83 -6.94 18.93
C HIS A 32 -8.41 -7.78 20.15
N THR A 33 -9.01 -7.55 21.28
CA THR A 33 -8.63 -8.32 22.49
C THR A 33 -9.48 -9.59 22.57
N ALA A 34 -8.90 -10.72 22.31
CA ALA A 34 -9.69 -11.99 22.37
C ALA A 34 -8.85 -13.07 23.07
N ALA A 1 3.69 12.82 -17.63
CA ALA A 1 2.45 12.40 -16.90
C ALA A 1 2.59 12.76 -15.43
N VAL A 2 3.79 12.81 -14.92
CA VAL A 2 3.99 13.16 -13.49
C VAL A 2 3.08 14.33 -13.12
N SER A 3 2.63 14.39 -11.89
CA SER A 3 1.75 15.50 -11.45
C SER A 3 2.20 15.99 -10.07
N GLU A 4 1.60 17.04 -9.59
CA GLU A 4 1.99 17.57 -8.25
C GLU A 4 1.46 16.63 -7.15
N HIS A 5 0.17 16.45 -7.10
CA HIS A 5 -0.41 15.56 -6.06
C HIS A 5 0.35 14.24 -6.02
N GLN A 6 0.96 13.86 -7.11
CA GLN A 6 1.72 12.58 -7.10
C GLN A 6 2.62 12.60 -5.86
N LEU A 7 3.27 11.52 -5.55
CA LEU A 7 4.10 11.52 -4.32
C LEU A 7 3.14 11.54 -3.14
N LEU A 8 2.42 12.62 -2.97
CA LEU A 8 1.43 12.68 -1.90
C LEU A 8 0.32 11.71 -2.28
N HIS A 9 0.06 11.63 -3.57
CA HIS A 9 -0.98 10.72 -4.09
C HIS A 9 -0.43 9.30 -4.18
N ASP A 10 0.77 9.09 -3.69
CA ASP A 10 1.40 7.74 -3.70
C ASP A 10 0.78 6.83 -4.75
N LYS A 11 -0.20 6.02 -4.36
CA LYS A 11 -0.88 5.10 -5.32
C LYS A 11 0.02 4.80 -6.53
N GLY A 12 0.85 3.81 -6.44
CA GLY A 12 1.75 3.50 -7.59
C GLY A 12 3.16 3.23 -7.06
N LYS A 13 3.52 3.84 -5.96
CA LYS A 13 4.85 3.60 -5.37
C LYS A 13 4.96 2.19 -4.90
N SER A 14 4.85 1.27 -5.81
CA SER A 14 4.91 -0.14 -5.43
C SER A 14 4.08 -0.32 -4.21
N ILE A 15 2.84 -0.75 -4.39
CA ILE A 15 1.92 -0.97 -3.25
C ILE A 15 2.76 -1.27 -2.02
N GLN A 16 3.80 -2.01 -2.24
CA GLN A 16 4.80 -2.29 -1.21
C GLN A 16 4.87 -1.09 -0.27
N ASP A 17 4.81 0.09 -0.84
CA ASP A 17 4.86 1.31 0.00
C ASP A 17 3.45 1.73 0.36
N LEU A 18 2.54 1.72 -0.58
CA LEU A 18 1.14 2.06 -0.23
C LEU A 18 0.80 1.24 1.01
N ARG A 19 1.47 0.11 1.13
CA ARG A 19 1.29 -0.77 2.29
C ARG A 19 1.93 -0.11 3.51
N ARG A 20 3.14 0.36 3.38
CA ARG A 20 3.79 1.01 4.53
C ARG A 20 3.00 2.25 4.92
N ARG A 21 2.10 2.67 4.08
CA ARG A 21 1.25 3.82 4.46
C ARG A 21 0.28 3.27 5.48
N PHE A 22 -0.09 2.03 5.30
CA PHE A 22 -0.99 1.35 6.26
C PHE A 22 -0.12 0.65 7.31
N PHE A 23 1.12 0.39 6.96
CA PHE A 23 2.08 -0.29 7.89
C PHE A 23 1.65 -0.07 9.35
N LEU A 24 1.91 1.10 9.87
CA LEU A 24 1.51 1.39 11.27
C LEU A 24 -0.02 1.36 11.37
N HIS A 25 -0.71 1.86 10.37
CA HIS A 25 -2.20 1.84 10.43
C HIS A 25 -2.67 0.42 10.72
N HIS A 26 -2.05 -0.56 10.12
CA HIS A 26 -2.45 -1.96 10.36
C HIS A 26 -1.93 -2.43 11.72
N LEU A 27 -0.65 -2.51 11.86
CA LEU A 27 -0.06 -2.98 13.16
C LEU A 27 -0.59 -2.12 14.30
N ILE A 28 -0.70 -0.84 14.12
CA ILE A 28 -1.20 0.04 15.21
C ILE A 28 -2.68 0.37 14.96
N ALA A 29 -3.49 -0.62 14.72
CA ALA A 29 -4.93 -0.36 14.47
C ALA A 29 -5.58 -1.60 13.87
N GLU A 30 -6.03 -2.51 14.69
CA GLU A 30 -6.67 -3.74 14.16
C GLU A 30 -7.44 -4.45 15.27
N ILE A 31 -8.27 -3.73 15.98
CA ILE A 31 -9.06 -4.36 17.08
C ILE A 31 -10.51 -4.49 16.64
N HIS A 32 -10.71 -4.83 15.42
CA HIS A 32 -12.10 -4.99 14.88
C HIS A 32 -12.06 -4.93 13.35
N THR A 33 -11.39 -5.86 12.73
CA THR A 33 -11.32 -5.86 11.25
C THR A 33 -12.65 -6.35 10.67
N ALA A 34 -13.12 -5.72 9.62
CA ALA A 34 -14.41 -6.14 9.01
C ALA A 34 -14.24 -6.30 7.50
N ALA A 1 8.05 -14.79 -12.63
CA ALA A 1 9.08 -13.71 -12.62
C ALA A 1 9.04 -12.96 -13.95
N VAL A 2 9.18 -11.66 -13.91
CA VAL A 2 9.17 -10.85 -15.17
C VAL A 2 7.95 -11.23 -16.02
N SER A 3 6.96 -11.82 -15.41
CA SER A 3 5.74 -12.21 -16.18
C SER A 3 5.23 -10.99 -16.96
N GLU A 4 4.32 -11.20 -17.87
CA GLU A 4 3.79 -10.04 -18.66
C GLU A 4 2.88 -9.19 -17.77
N HIS A 5 1.79 -9.75 -17.32
CA HIS A 5 0.86 -8.97 -16.47
C HIS A 5 1.63 -8.27 -15.34
N GLN A 6 2.81 -8.74 -15.03
CA GLN A 6 3.59 -8.09 -13.95
C GLN A 6 4.37 -6.89 -14.51
N LEU A 7 3.96 -6.44 -15.65
CA LEU A 7 4.62 -5.26 -16.26
C LEU A 7 3.83 -4.03 -15.85
N LEU A 8 2.61 -3.93 -16.29
CA LEU A 8 1.78 -2.80 -15.89
C LEU A 8 1.60 -2.91 -14.38
N HIS A 9 1.31 -4.10 -13.93
CA HIS A 9 1.14 -4.35 -12.48
C HIS A 9 2.50 -4.68 -11.87
N ASP A 10 3.54 -4.03 -12.31
CA ASP A 10 4.90 -4.28 -11.77
C ASP A 10 4.84 -4.49 -10.25
N LYS A 11 4.65 -5.69 -9.79
CA LYS A 11 4.60 -5.92 -8.33
C LYS A 11 5.85 -5.35 -7.69
N GLY A 12 5.77 -4.19 -7.10
CA GLY A 12 6.97 -3.58 -6.46
C GLY A 12 6.84 -2.06 -6.40
N LYS A 13 5.91 -1.49 -7.12
CA LYS A 13 5.74 -0.02 -7.08
C LYS A 13 5.25 0.39 -5.72
N SER A 14 4.59 1.50 -5.63
CA SER A 14 4.11 1.94 -4.32
C SER A 14 2.90 1.12 -3.88
N ILE A 15 3.10 -0.16 -3.88
CA ILE A 15 2.07 -1.12 -3.44
C ILE A 15 2.72 -1.77 -2.24
N GLN A 16 3.95 -2.12 -2.44
CA GLN A 16 4.76 -2.65 -1.34
C GLN A 16 4.88 -1.50 -0.36
N ASP A 17 4.85 -0.31 -0.89
CA ASP A 17 4.94 0.91 -0.06
C ASP A 17 3.52 1.31 0.33
N LEU A 18 2.57 1.19 -0.56
CA LEU A 18 1.18 1.51 -0.16
C LEU A 18 0.91 0.73 1.11
N ARG A 19 1.61 -0.36 1.25
CA ARG A 19 1.52 -1.22 2.45
C ARG A 19 2.07 -0.43 3.63
N ARG A 20 3.22 0.16 3.47
CA ARG A 20 3.79 0.93 4.60
C ARG A 20 2.86 2.10 4.90
N ARG A 21 2.22 2.64 3.91
CA ARG A 21 1.26 3.73 4.20
C ARG A 21 0.32 3.16 5.26
N PHE A 22 0.13 1.86 5.21
CA PHE A 22 -0.72 1.18 6.20
C PHE A 22 0.18 0.65 7.32
N PHE A 23 1.42 0.34 6.99
CA PHE A 23 2.39 -0.21 8.00
C PHE A 23 1.95 0.16 9.41
N LEU A 24 1.85 1.43 9.69
CA LEU A 24 1.41 1.88 11.04
C LEU A 24 -0.10 1.70 11.18
N HIS A 25 -0.85 2.11 10.18
CA HIS A 25 -2.33 1.96 10.27
C HIS A 25 -2.68 0.47 10.36
N HIS A 26 -1.73 -0.38 10.07
CA HIS A 26 -1.98 -1.84 10.11
C HIS A 26 -1.85 -2.36 11.54
N LEU A 27 -0.66 -2.37 12.05
CA LEU A 27 -0.43 -2.88 13.43
C LEU A 27 -1.52 -2.35 14.37
N ILE A 28 -1.82 -1.09 14.29
CA ILE A 28 -2.87 -0.52 15.19
C ILE A 28 -4.26 -1.00 14.75
N ALA A 29 -4.35 -1.54 13.57
CA ALA A 29 -5.67 -2.03 13.10
C ALA A 29 -5.53 -2.61 11.69
N GLU A 30 -6.33 -3.59 11.35
CA GLU A 30 -6.24 -4.20 9.99
C GLU A 30 -7.60 -4.76 9.59
N ILE A 31 -8.10 -4.36 8.45
CA ILE A 31 -9.42 -4.87 8.00
C ILE A 31 -10.40 -4.84 9.16
N HIS A 32 -10.35 -3.80 9.93
CA HIS A 32 -11.28 -3.69 11.10
C HIS A 32 -11.13 -4.92 11.99
N THR A 33 -9.91 -5.31 12.27
CA THR A 33 -9.69 -6.51 13.13
C THR A 33 -10.68 -7.61 12.75
N ALA A 34 -10.81 -7.89 11.49
CA ALA A 34 -11.76 -8.96 11.06
C ALA A 34 -11.21 -9.67 9.82
N ALA A 1 11.64 10.38 -1.41
CA ALA A 1 10.59 11.02 -2.23
C ALA A 1 10.95 12.49 -2.45
N VAL A 2 11.58 12.81 -3.54
CA VAL A 2 11.95 14.21 -3.82
C VAL A 2 10.77 15.13 -3.48
N SER A 3 9.60 14.80 -3.96
CA SER A 3 8.42 15.64 -3.65
C SER A 3 7.98 15.41 -2.21
N GLU A 4 7.34 16.38 -1.61
CA GLU A 4 6.90 16.21 -0.19
C GLU A 4 6.07 14.93 -0.06
N HIS A 5 4.76 15.03 -0.10
CA HIS A 5 3.93 13.83 0.04
C HIS A 5 3.80 13.13 -1.31
N GLN A 6 3.89 13.87 -2.38
CA GLN A 6 3.78 13.24 -3.72
C GLN A 6 4.61 11.95 -3.72
N LEU A 7 4.38 11.08 -4.67
CA LEU A 7 5.16 9.82 -4.69
C LEU A 7 4.66 8.89 -3.57
N LEU A 8 4.59 9.37 -2.35
CA LEU A 8 4.12 8.53 -1.25
C LEU A 8 2.66 8.14 -1.48
N HIS A 9 1.91 8.98 -2.15
CA HIS A 9 0.49 8.67 -2.40
C HIS A 9 0.37 8.14 -3.81
N ASP A 10 1.23 8.63 -4.63
CA ASP A 10 1.29 8.20 -6.04
C ASP A 10 0.90 6.73 -6.20
N LYS A 11 -0.29 6.47 -6.68
CA LYS A 11 -0.74 5.07 -6.87
C LYS A 11 0.18 4.37 -7.88
N GLY A 12 0.98 3.43 -7.44
CA GLY A 12 1.88 2.72 -8.38
C GLY A 12 3.24 2.56 -7.72
N LYS A 13 3.50 3.34 -6.72
CA LYS A 13 4.80 3.25 -6.00
C LYS A 13 4.88 1.96 -5.28
N SER A 14 4.85 0.90 -6.02
CA SER A 14 4.93 -0.42 -5.39
C SER A 14 4.02 -0.42 -4.21
N ILE A 15 2.83 -0.96 -4.36
CA ILE A 15 1.89 -1.00 -3.22
C ILE A 15 2.72 -1.27 -1.97
N GLN A 16 3.82 -1.98 -2.17
CA GLN A 16 4.81 -2.19 -1.10
C GLN A 16 4.83 -0.93 -0.24
N ASP A 17 4.74 0.21 -0.88
CA ASP A 17 4.74 1.49 -0.13
C ASP A 17 3.32 1.81 0.32
N LEU A 18 2.36 1.78 -0.57
CA LEU A 18 0.96 2.05 -0.14
C LEU A 18 0.73 1.21 1.11
N ARG A 19 1.45 0.12 1.18
CA ARG A 19 1.38 -0.78 2.35
C ARG A 19 1.96 -0.04 3.56
N ARG A 20 3.15 0.47 3.43
CA ARG A 20 3.75 1.19 4.58
C ARG A 20 2.85 2.36 4.98
N ARG A 21 2.13 2.93 4.05
CA ARG A 21 1.20 4.01 4.46
C ARG A 21 0.26 3.36 5.49
N PHE A 22 0.05 2.08 5.32
CA PHE A 22 -0.82 1.34 6.27
C PHE A 22 0.08 0.66 7.31
N PHE A 23 1.33 0.42 6.96
CA PHE A 23 2.30 -0.25 7.90
C PHE A 23 1.83 -0.07 9.35
N LEU A 24 2.08 1.08 9.91
CA LEU A 24 1.65 1.33 11.31
C LEU A 24 0.12 1.29 11.38
N HIS A 25 -0.54 1.80 10.37
CA HIS A 25 -2.04 1.77 10.40
C HIS A 25 -2.51 0.33 10.63
N HIS A 26 -1.92 -0.61 9.95
CA HIS A 26 -2.31 -2.03 10.12
C HIS A 26 -2.04 -2.48 11.55
N LEU A 27 -0.79 -2.61 11.91
CA LEU A 27 -0.45 -3.05 13.28
C LEU A 27 -1.27 -2.26 14.30
N ILE A 28 -1.67 -1.05 13.95
CA ILE A 28 -2.48 -0.23 14.90
C ILE A 28 -3.94 -0.69 14.83
N ALA A 29 -4.30 -1.38 13.78
CA ALA A 29 -5.71 -1.85 13.64
C ALA A 29 -5.95 -2.28 12.20
N GLU A 30 -6.55 -3.43 12.00
CA GLU A 30 -6.81 -3.90 10.61
C GLU A 30 -7.90 -3.03 9.96
N ILE A 31 -7.68 -1.74 9.90
CA ILE A 31 -8.70 -0.84 9.28
C ILE A 31 -10.09 -1.26 9.73
N HIS A 32 -10.20 -1.69 10.95
CA HIS A 32 -11.52 -2.12 11.48
C HIS A 32 -12.55 -1.00 11.27
N THR A 33 -13.18 -0.97 10.13
CA THR A 33 -14.19 0.08 9.86
C THR A 33 -13.65 1.44 10.34
N ALA A 34 -12.72 2.00 9.61
CA ALA A 34 -12.16 3.32 10.02
C ALA A 34 -12.95 4.44 9.38
N ALA A 1 -16.52 -6.41 -11.49
CA ALA A 1 -15.92 -5.08 -11.81
C ALA A 1 -14.84 -4.75 -10.80
N VAL A 2 -13.71 -5.41 -10.87
CA VAL A 2 -12.61 -5.13 -9.91
C VAL A 2 -12.47 -3.62 -9.71
N SER A 3 -11.82 -3.21 -8.66
CA SER A 3 -11.65 -1.75 -8.42
C SER A 3 -11.22 -1.07 -9.73
N GLU A 4 -12.00 -0.16 -10.23
CA GLU A 4 -11.63 0.54 -11.49
C GLU A 4 -10.23 1.11 -11.36
N HIS A 5 -9.93 1.72 -10.25
CA HIS A 5 -8.57 2.32 -10.06
C HIS A 5 -7.50 1.34 -10.54
N GLN A 6 -7.79 0.07 -10.57
CA GLN A 6 -6.75 -0.89 -11.05
C GLN A 6 -6.15 -0.33 -12.34
N LEU A 7 -5.12 -0.93 -12.84
CA LEU A 7 -4.51 -0.36 -14.08
C LEU A 7 -3.86 0.96 -13.67
N LEU A 8 -4.66 1.96 -13.36
CA LEU A 8 -4.08 3.21 -12.90
C LEU A 8 -3.42 2.88 -11.56
N HIS A 9 -4.00 1.94 -10.87
CA HIS A 9 -3.49 1.49 -9.58
C HIS A 9 -2.65 0.22 -9.75
N ASP A 10 -1.86 0.17 -10.80
CA ASP A 10 -0.99 -1.03 -11.06
C ASP A 10 -0.61 -1.71 -9.75
N LYS A 11 -0.46 -3.01 -9.77
CA LYS A 11 -0.09 -3.72 -8.53
C LYS A 11 1.43 -3.73 -8.36
N GLY A 12 2.09 -2.71 -8.82
CA GLY A 12 3.58 -2.64 -8.68
C GLY A 12 3.99 -1.22 -8.29
N LYS A 13 3.03 -0.41 -7.92
CA LYS A 13 3.35 0.99 -7.54
C LYS A 13 2.96 1.24 -6.10
N SER A 14 3.89 1.72 -5.33
CA SER A 14 3.63 1.98 -3.89
C SER A 14 2.61 0.99 -3.38
N ILE A 15 2.78 -0.20 -3.83
CA ILE A 15 1.92 -1.31 -3.38
C ILE A 15 2.68 -1.90 -2.23
N GLN A 16 3.95 -2.00 -2.44
CA GLN A 16 4.87 -2.44 -1.40
C GLN A 16 5.00 -1.25 -0.48
N ASP A 17 4.70 -0.09 -1.01
CA ASP A 17 4.76 1.14 -0.19
C ASP A 17 3.39 1.35 0.45
N LEU A 18 2.32 1.04 -0.25
CA LEU A 18 0.99 1.19 0.39
C LEU A 18 1.07 0.39 1.67
N ARG A 19 1.82 -0.67 1.60
CA ARG A 19 2.05 -1.55 2.77
C ARG A 19 2.63 -0.69 3.89
N ARG A 20 3.53 0.19 3.56
CA ARG A 20 4.13 1.05 4.59
C ARG A 20 3.22 2.24 4.82
N ARG A 21 2.45 2.62 3.84
CA ARG A 21 1.49 3.71 4.07
C ARG A 21 0.50 3.16 5.08
N PHE A 22 0.32 1.86 5.04
CA PHE A 22 -0.57 1.19 6.00
C PHE A 22 0.28 0.67 7.16
N PHE A 23 1.56 0.49 6.91
CA PHE A 23 2.51 -0.04 7.96
C PHE A 23 1.96 0.22 9.36
N LEU A 24 1.93 1.47 9.75
CA LEU A 24 1.42 1.81 11.10
C LEU A 24 -0.10 1.72 11.10
N HIS A 25 -0.74 2.11 10.03
CA HIS A 25 -2.24 2.04 10.00
C HIS A 25 -2.70 0.58 10.03
N HIS A 26 -1.80 -0.35 9.81
CA HIS A 26 -2.20 -1.78 9.80
C HIS A 26 -2.17 -2.35 11.22
N LEU A 27 -1.00 -2.48 11.79
CA LEU A 27 -0.90 -3.07 13.15
C LEU A 27 -1.49 -2.12 14.20
N ILE A 28 -1.94 -0.96 13.79
CA ILE A 28 -2.53 -0.01 14.78
C ILE A 28 -4.04 -0.21 14.84
N ALA A 29 -4.58 -1.11 14.05
CA ALA A 29 -6.04 -1.34 14.07
C ALA A 29 -6.43 -2.16 12.84
N GLU A 30 -7.02 -3.31 13.05
CA GLU A 30 -7.43 -4.15 11.89
C GLU A 30 -8.34 -5.28 12.39
N ILE A 31 -9.53 -5.37 11.85
CA ILE A 31 -10.46 -6.45 12.30
C ILE A 31 -10.51 -6.49 13.82
N HIS A 32 -10.52 -5.34 14.43
CA HIS A 32 -10.57 -5.29 15.92
C HIS A 32 -9.55 -6.27 16.50
N THR A 33 -8.32 -5.86 16.62
CA THR A 33 -7.27 -6.75 17.19
C THR A 33 -7.26 -8.09 16.43
N ALA A 34 -6.33 -8.26 15.53
CA ALA A 34 -6.27 -9.53 14.76
C ALA A 34 -4.86 -9.72 14.20
N ALA A 1 1.61 -3.83 -29.65
CA ALA A 1 1.61 -2.70 -28.67
C ALA A 1 2.39 -3.11 -27.42
N VAL A 2 2.06 -2.54 -26.30
CA VAL A 2 2.77 -2.89 -25.03
C VAL A 2 2.95 -4.41 -24.96
N SER A 3 4.04 -4.84 -24.38
CA SER A 3 4.28 -6.31 -24.28
C SER A 3 3.44 -6.88 -23.14
N GLU A 4 3.43 -8.18 -22.98
CA GLU A 4 2.63 -8.79 -21.89
C GLU A 4 3.29 -8.48 -20.55
N HIS A 5 4.41 -9.08 -20.27
CA HIS A 5 5.09 -8.82 -18.98
C HIS A 5 5.08 -7.32 -18.70
N GLN A 6 5.18 -6.50 -19.71
CA GLN A 6 5.15 -5.04 -19.47
C GLN A 6 4.05 -4.72 -18.48
N LEU A 7 4.09 -3.60 -17.85
CA LEU A 7 3.03 -3.25 -16.87
C LEU A 7 3.24 -4.06 -15.59
N LEU A 8 3.37 -5.36 -15.69
CA LEU A 8 3.55 -6.20 -14.50
C LEU A 8 4.89 -5.85 -13.83
N HIS A 9 5.75 -5.15 -14.51
CA HIS A 9 7.05 -4.78 -13.90
C HIS A 9 6.80 -3.75 -12.83
N ASP A 10 5.76 -3.03 -13.03
CA ASP A 10 5.32 -2.01 -12.07
C ASP A 10 5.49 -2.53 -10.65
N LYS A 11 5.39 -3.82 -10.46
CA LYS A 11 5.54 -4.40 -9.10
C LYS A 11 6.70 -3.71 -8.37
N GLY A 12 6.41 -2.65 -7.66
CA GLY A 12 7.47 -1.91 -6.93
C GLY A 12 6.93 -0.54 -6.55
N LYS A 13 6.01 -0.03 -7.32
CA LYS A 13 5.42 1.29 -7.01
C LYS A 13 4.85 1.29 -5.61
N SER A 14 4.04 2.25 -5.30
CA SER A 14 3.49 2.31 -3.93
C SER A 14 2.51 1.18 -3.69
N ILE A 15 3.02 0.01 -3.79
CA ILE A 15 2.24 -1.21 -3.51
C ILE A 15 2.98 -1.85 -2.35
N GLN A 16 4.28 -1.83 -2.47
CA GLN A 16 5.14 -2.30 -1.37
C GLN A 16 5.06 -1.21 -0.34
N ASP A 17 4.83 -0.01 -0.81
CA ASP A 17 4.69 1.14 0.09
C ASP A 17 3.22 1.27 0.49
N LEU A 18 2.30 0.99 -0.40
CA LEU A 18 0.87 1.05 0.02
C LEU A 18 0.78 0.24 1.30
N ARG A 19 1.63 -0.74 1.39
CA ARG A 19 1.72 -1.58 2.60
C ARG A 19 2.24 -0.72 3.73
N ARG A 20 3.44 -0.23 3.59
CA ARG A 20 3.99 0.65 4.64
C ARG A 20 3.01 1.82 4.83
N ARG A 21 2.36 2.25 3.78
CA ARG A 21 1.36 3.32 3.95
C ARG A 21 0.43 2.84 5.04
N PHE A 22 0.22 1.56 5.08
CA PHE A 22 -0.61 0.96 6.14
C PHE A 22 0.31 0.60 7.30
N PHE A 23 1.56 0.32 7.00
CA PHE A 23 2.57 -0.07 8.04
C PHE A 23 2.04 0.18 9.45
N LEU A 24 2.02 1.41 9.87
CA LEU A 24 1.52 1.74 11.22
C LEU A 24 0.00 1.82 11.18
N HIS A 25 -0.57 2.22 10.07
CA HIS A 25 -2.04 2.28 9.97
C HIS A 25 -2.62 0.86 10.12
N HIS A 26 -1.83 -0.14 9.85
CA HIS A 26 -2.33 -1.54 9.96
C HIS A 26 -2.19 -2.05 11.40
N LEU A 27 -0.98 -2.35 11.81
CA LEU A 27 -0.77 -2.86 13.19
C LEU A 27 -1.45 -1.94 14.20
N ILE A 28 -1.26 -0.65 14.08
CA ILE A 28 -1.89 0.28 15.04
C ILE A 28 -3.18 0.84 14.44
N ALA A 29 -4.00 -0.01 13.88
CA ALA A 29 -5.27 0.46 13.27
C ALA A 29 -5.80 -0.62 12.32
N GLU A 30 -6.95 -1.16 12.61
CA GLU A 30 -7.51 -2.22 11.73
C GLU A 30 -9.02 -2.23 11.85
N ILE A 31 -9.69 -2.03 10.74
CA ILE A 31 -11.17 -2.01 10.71
C ILE A 31 -11.72 -1.47 12.03
N HIS A 32 -11.81 -0.18 12.12
CA HIS A 32 -12.34 0.47 13.36
C HIS A 32 -11.80 -0.25 14.60
N THR A 33 -10.51 -0.41 14.70
CA THR A 33 -9.94 -1.09 15.89
C THR A 33 -10.75 -2.35 16.22
N ALA A 34 -10.31 -3.49 15.75
CA ALA A 34 -11.05 -4.74 16.04
C ALA A 34 -10.55 -5.35 17.35
N ALA A 1 4.64 26.33 -1.79
CA ALA A 1 4.08 25.33 -0.84
C ALA A 1 3.74 24.04 -1.58
N VAL A 2 3.94 22.91 -0.95
CA VAL A 2 3.64 21.62 -1.62
C VAL A 2 2.32 21.72 -2.38
N SER A 3 2.16 20.95 -3.42
CA SER A 3 0.91 21.01 -4.21
C SER A 3 -0.12 20.06 -3.61
N GLU A 4 -1.38 20.41 -3.67
CA GLU A 4 -2.43 19.52 -3.10
C GLU A 4 -2.41 18.18 -3.83
N HIS A 5 -2.75 18.18 -5.09
CA HIS A 5 -2.76 16.92 -5.86
C HIS A 5 -1.51 16.11 -5.53
N GLN A 6 -0.39 16.75 -5.36
CA GLN A 6 0.84 16.00 -5.03
C GLN A 6 0.52 14.99 -3.94
N LEU A 7 1.31 13.98 -3.79
CA LEU A 7 1.03 12.95 -2.74
C LEU A 7 -0.13 12.06 -3.19
N LEU A 8 -1.24 12.64 -3.59
CA LEU A 8 -2.38 11.83 -4.03
C LEU A 8 -1.98 11.00 -5.25
N HIS A 9 -0.92 11.36 -5.91
CA HIS A 9 -0.47 10.59 -7.10
C HIS A 9 -0.08 9.22 -6.62
N ASP A 10 1.01 9.15 -5.91
CA ASP A 10 1.46 7.88 -5.32
C ASP A 10 1.01 6.67 -6.14
N LYS A 11 -0.17 6.16 -5.84
CA LYS A 11 -0.75 4.98 -6.58
C LYS A 11 0.21 4.46 -7.65
N GLY A 12 1.14 3.63 -7.27
CA GLY A 12 2.12 3.10 -8.25
C GLY A 12 3.48 2.97 -7.57
N LYS A 13 3.67 3.69 -6.49
CA LYS A 13 4.95 3.61 -5.75
C LYS A 13 5.06 2.28 -5.11
N SER A 14 5.09 1.26 -5.92
CA SER A 14 5.19 -0.09 -5.38
C SER A 14 4.20 -0.18 -4.26
N ILE A 15 3.04 -0.73 -4.51
CA ILE A 15 2.03 -0.88 -3.43
C ILE A 15 2.79 -1.19 -2.15
N GLN A 16 3.91 -1.85 -2.33
CA GLN A 16 4.86 -2.10 -1.22
C GLN A 16 4.81 -0.91 -0.29
N ASP A 17 4.73 0.27 -0.87
CA ASP A 17 4.65 1.50 -0.04
C ASP A 17 3.20 1.80 0.31
N LEU A 18 2.30 1.71 -0.63
CA LEU A 18 0.86 1.93 -0.27
C LEU A 18 0.61 1.08 0.98
N ARG A 19 1.38 0.03 1.09
CA ARG A 19 1.29 -0.88 2.24
C ARG A 19 1.88 -0.17 3.47
N ARG A 20 3.09 0.30 3.36
CA ARG A 20 3.70 0.99 4.53
C ARG A 20 2.81 2.16 4.96
N ARG A 21 2.11 2.75 4.04
CA ARG A 21 1.18 3.83 4.47
C ARG A 21 0.23 3.19 5.46
N PHE A 22 0.01 1.91 5.28
CA PHE A 22 -0.87 1.15 6.21
C PHE A 22 -0.01 0.45 7.25
N PHE A 23 1.25 0.20 6.92
CA PHE A 23 2.20 -0.50 7.84
C PHE A 23 1.76 -0.29 9.30
N LEU A 24 2.01 0.87 9.83
CA LEU A 24 1.61 1.15 11.24
C LEU A 24 0.08 1.16 11.32
N HIS A 25 -0.57 1.82 10.40
CA HIS A 25 -2.06 1.85 10.45
C HIS A 25 -2.58 0.43 10.65
N HIS A 26 -1.85 -0.55 10.21
CA HIS A 26 -2.29 -1.95 10.37
C HIS A 26 -2.01 -2.41 11.80
N LEU A 27 -0.81 -2.22 12.27
CA LEU A 27 -0.47 -2.65 13.66
C LEU A 27 -0.89 -1.58 14.66
N ILE A 28 -2.12 -1.17 14.61
CA ILE A 28 -2.59 -0.11 15.58
C ILE A 28 -4.11 -0.23 15.75
N ALA A 29 -4.83 -0.54 14.71
CA ALA A 29 -6.30 -0.66 14.83
C ALA A 29 -6.92 -0.80 13.43
N GLU A 30 -7.89 -1.66 13.29
CA GLU A 30 -8.54 -1.85 11.97
C GLU A 30 -10.05 -2.04 12.15
N ILE A 31 -10.73 -1.04 12.60
CA ILE A 31 -12.20 -1.15 12.81
C ILE A 31 -12.86 0.14 12.34
N HIS A 32 -13.69 0.06 11.34
CA HIS A 32 -14.37 1.28 10.82
C HIS A 32 -13.36 2.43 10.74
N THR A 33 -12.30 2.23 10.01
CA THR A 33 -11.27 3.31 9.89
C THR A 33 -10.70 3.62 11.27
N ALA A 34 -9.58 4.30 11.31
CA ALA A 34 -8.97 4.64 12.63
C ALA A 34 -8.38 3.37 13.26
N ALA A 1 12.81 18.11 -2.08
CA ALA A 1 11.82 18.43 -3.14
C ALA A 1 10.43 17.99 -2.70
N VAL A 2 9.93 18.57 -1.64
CA VAL A 2 8.57 18.18 -1.15
C VAL A 2 7.61 18.03 -2.33
N SER A 3 7.77 18.87 -3.33
CA SER A 3 6.89 18.80 -4.52
C SER A 3 5.43 18.50 -4.12
N GLU A 4 4.61 19.51 -4.04
CA GLU A 4 3.19 19.29 -3.65
C GLU A 4 2.66 18.03 -4.32
N HIS A 5 2.94 17.86 -5.58
CA HIS A 5 2.46 16.64 -6.29
C HIS A 5 2.69 15.42 -5.42
N GLN A 6 3.72 15.40 -4.63
CA GLN A 6 3.98 14.23 -3.77
C GLN A 6 2.67 13.80 -3.12
N LEU A 7 2.60 12.59 -2.64
CA LEU A 7 1.34 12.13 -2.01
C LEU A 7 0.29 11.86 -3.08
N LEU A 8 0.04 12.80 -3.96
CA LEU A 8 -0.96 12.59 -5.02
C LEU A 8 -0.56 11.39 -5.88
N HIS A 9 0.72 11.13 -6.01
CA HIS A 9 1.18 9.99 -6.83
C HIS A 9 0.78 8.71 -6.14
N ASP A 10 1.29 8.50 -4.96
CA ASP A 10 0.93 7.33 -4.15
C ASP A 10 0.51 6.14 -5.03
N LYS A 11 -0.75 6.06 -5.39
CA LYS A 11 -1.21 4.93 -6.25
C LYS A 11 -0.15 4.66 -7.32
N GLY A 12 0.71 3.72 -7.07
CA GLY A 12 1.78 3.43 -8.07
C GLY A 12 3.12 3.33 -7.32
N LYS A 13 3.23 3.99 -6.19
CA LYS A 13 4.49 3.93 -5.41
C LYS A 13 4.65 2.55 -4.88
N SER A 14 4.79 1.61 -5.78
CA SER A 14 4.96 0.20 -5.38
C SER A 14 4.08 -0.06 -4.20
N ILE A 15 2.92 -0.61 -4.44
CA ILE A 15 1.98 -0.95 -3.33
C ILE A 15 2.82 -1.26 -2.11
N GLN A 16 3.92 -1.90 -2.37
CA GLN A 16 4.94 -2.17 -1.35
C GLN A 16 4.92 -1.02 -0.35
N ASP A 17 4.81 0.18 -0.85
CA ASP A 17 4.79 1.36 0.05
C ASP A 17 3.35 1.67 0.44
N LEU A 18 2.43 1.64 -0.49
CA LEU A 18 1.01 1.88 -0.09
C LEU A 18 0.76 0.98 1.10
N ARG A 19 1.48 -0.12 1.13
CA ARG A 19 1.38 -1.07 2.26
C ARG A 19 1.94 -0.40 3.50
N ARG A 20 3.05 0.26 3.38
CA ARG A 20 3.63 0.92 4.55
C ARG A 20 2.75 2.11 4.94
N ARG A 21 2.14 2.76 3.99
CA ARG A 21 1.23 3.86 4.38
C ARG A 21 0.23 3.22 5.34
N PHE A 22 0.02 1.95 5.18
CA PHE A 22 -0.90 1.20 6.07
C PHE A 22 -0.07 0.52 7.17
N PHE A 23 1.18 0.21 6.85
CA PHE A 23 2.10 -0.46 7.85
C PHE A 23 1.63 -0.18 9.28
N LEU A 24 2.00 0.96 9.81
CA LEU A 24 1.58 1.31 11.19
C LEU A 24 0.06 1.30 11.26
N HIS A 25 -0.60 1.92 10.31
CA HIS A 25 -2.09 1.93 10.34
C HIS A 25 -2.59 0.53 10.66
N HIS A 26 -1.89 -0.47 10.20
CA HIS A 26 -2.30 -1.87 10.47
C HIS A 26 -1.99 -2.24 11.92
N LEU A 27 -0.74 -2.46 12.22
CA LEU A 27 -0.36 -2.83 13.62
C LEU A 27 -0.87 -1.78 14.61
N ILE A 28 -0.70 -0.52 14.28
CA ILE A 28 -1.18 0.55 15.20
C ILE A 28 -2.70 0.67 15.09
N ALA A 29 -3.18 1.56 14.25
CA ALA A 29 -4.64 1.73 14.10
C ALA A 29 -5.31 0.35 13.98
N GLU A 30 -6.61 0.30 14.16
CA GLU A 30 -7.34 -1.00 14.07
C GLU A 30 -6.57 -2.09 14.80
N ILE A 31 -7.02 -3.31 14.68
CA ILE A 31 -6.35 -4.42 15.38
C ILE A 31 -6.20 -5.60 14.43
N HIS A 32 -5.16 -5.61 13.66
CA HIS A 32 -4.95 -6.74 12.70
C HIS A 32 -6.23 -6.96 11.89
N THR A 33 -6.41 -6.21 10.84
CA THR A 33 -7.63 -6.38 10.01
C THR A 33 -8.85 -5.84 10.77
N ALA A 34 -9.85 -5.37 10.07
CA ALA A 34 -11.05 -4.84 10.76
C ALA A 34 -12.22 -4.78 9.78
N ALA A 1 -0.07 -0.08 -22.51
CA ALA A 1 -1.07 0.24 -21.47
C ALA A 1 -2.41 0.60 -22.14
N VAL A 2 -3.23 -0.37 -22.41
CA VAL A 2 -4.54 -0.08 -23.08
C VAL A 2 -5.18 1.13 -22.42
N SER A 3 -5.20 1.19 -21.11
CA SER A 3 -5.83 2.35 -20.42
C SER A 3 -4.76 3.10 -19.61
N GLU A 4 -5.17 4.08 -18.86
CA GLU A 4 -4.18 4.86 -18.05
C GLU A 4 -3.81 4.06 -16.80
N HIS A 5 -4.78 3.78 -15.96
CA HIS A 5 -4.49 3.02 -14.72
C HIS A 5 -3.50 1.89 -15.00
N GLN A 6 -3.65 1.21 -16.09
CA GLN A 6 -2.69 0.12 -16.39
C GLN A 6 -1.27 0.64 -16.16
N LEU A 7 -0.33 -0.22 -16.00
CA LEU A 7 1.07 0.24 -15.77
C LEU A 7 1.22 0.77 -14.33
N LEU A 8 0.35 1.64 -13.90
CA LEU A 8 0.46 2.16 -12.53
C LEU A 8 0.42 0.98 -11.54
N HIS A 9 -0.27 -0.07 -11.90
CA HIS A 9 -0.33 -1.25 -11.01
C HIS A 9 1.07 -1.79 -10.86
N ASP A 10 1.63 -2.19 -11.96
CA ASP A 10 3.02 -2.66 -11.99
C ASP A 10 3.48 -3.21 -10.62
N LYS A 11 3.28 -4.47 -10.38
CA LYS A 11 3.69 -5.05 -9.07
C LYS A 11 5.08 -4.52 -8.70
N GLY A 12 5.14 -3.54 -7.84
CA GLY A 12 6.45 -2.97 -7.43
C GLY A 12 6.28 -1.50 -7.05
N LYS A 13 5.41 -0.81 -7.72
CA LYS A 13 5.18 0.63 -7.40
C LYS A 13 4.81 0.80 -5.94
N SER A 14 4.25 1.91 -5.59
CA SER A 14 3.90 2.12 -4.18
C SER A 14 2.77 1.18 -3.75
N ILE A 15 3.03 -0.07 -3.89
CA ILE A 15 2.08 -1.12 -3.47
C ILE A 15 2.81 -1.77 -2.32
N GLN A 16 4.05 -2.05 -2.56
CA GLN A 16 4.92 -2.57 -1.50
C GLN A 16 5.00 -1.43 -0.50
N ASP A 17 4.92 -0.23 -1.01
CA ASP A 17 4.98 0.97 -0.14
C ASP A 17 3.57 1.32 0.33
N LEU A 18 2.58 1.24 -0.52
CA LEU A 18 1.20 1.53 -0.05
C LEU A 18 1.00 0.68 1.20
N ARG A 19 1.71 -0.41 1.24
CA ARG A 19 1.67 -1.31 2.40
C ARG A 19 2.27 -0.57 3.58
N ARG A 20 3.39 0.08 3.36
CA ARG A 20 4.01 0.84 4.46
C ARG A 20 3.17 2.09 4.74
N ARG A 21 2.17 2.33 3.93
CA ARG A 21 1.27 3.47 4.20
C ARG A 21 0.33 2.94 5.26
N PHE A 22 0.01 1.68 5.15
CA PHE A 22 -0.84 1.02 6.15
C PHE A 22 0.07 0.52 7.27
N PHE A 23 1.33 0.31 6.94
CA PHE A 23 2.35 -0.18 7.93
C PHE A 23 1.90 0.12 9.36
N LEU A 24 1.96 1.37 9.75
CA LEU A 24 1.52 1.74 11.12
C LEU A 24 0.00 1.60 11.21
N HIS A 25 -0.70 1.96 10.16
CA HIS A 25 -2.18 1.84 10.18
C HIS A 25 -2.55 0.39 10.54
N HIS A 26 -1.90 -0.56 9.94
CA HIS A 26 -2.20 -1.99 10.24
C HIS A 26 -2.07 -2.23 11.74
N LEU A 27 -0.88 -2.12 12.26
CA LEU A 27 -0.67 -2.34 13.71
C LEU A 27 -1.79 -1.65 14.49
N ILE A 28 -1.97 -0.37 14.26
CA ILE A 28 -3.03 0.37 14.99
C ILE A 28 -4.35 -0.42 14.89
N ALA A 29 -4.51 -1.20 13.86
CA ALA A 29 -5.76 -1.98 13.71
C ALA A 29 -5.86 -2.52 12.29
N GLU A 30 -6.00 -3.81 12.14
CA GLU A 30 -6.09 -4.40 10.77
C GLU A 30 -7.54 -4.30 10.28
N ILE A 31 -7.78 -4.65 9.04
CA ILE A 31 -9.17 -4.58 8.51
C ILE A 31 -9.97 -5.77 9.01
N HIS A 32 -10.83 -5.57 9.96
CA HIS A 32 -11.64 -6.69 10.50
C HIS A 32 -12.16 -7.55 9.35
N THR A 33 -12.37 -8.81 9.58
CA THR A 33 -12.88 -9.70 8.49
C THR A 33 -14.27 -10.20 8.87
N ALA A 34 -15.28 -9.43 8.57
CA ALA A 34 -16.67 -9.86 8.91
C ALA A 34 -17.63 -9.38 7.82
N ALA A 1 -14.48 16.37 -7.36
CA ALA A 1 -13.71 16.16 -8.63
C ALA A 1 -12.97 14.82 -8.54
N VAL A 2 -13.57 13.77 -9.03
CA VAL A 2 -12.90 12.45 -9.00
C VAL A 2 -12.20 12.24 -7.65
N SER A 3 -11.38 11.24 -7.54
CA SER A 3 -10.68 10.99 -6.24
C SER A 3 -9.48 11.93 -6.12
N GLU A 4 -9.52 12.84 -5.20
CA GLU A 4 -8.39 13.79 -5.04
C GLU A 4 -7.17 13.05 -4.49
N HIS A 5 -7.40 12.11 -3.61
CA HIS A 5 -6.26 11.36 -3.02
C HIS A 5 -5.25 11.01 -4.12
N GLN A 6 -5.68 10.89 -5.34
CA GLN A 6 -4.71 10.58 -6.41
C GLN A 6 -3.56 11.57 -6.29
N LEU A 7 -2.54 11.44 -7.07
CA LEU A 7 -1.38 12.38 -6.92
C LEU A 7 -0.73 12.06 -5.58
N LEU A 8 -1.41 12.32 -4.49
CA LEU A 8 -0.85 11.97 -3.20
C LEU A 8 -0.80 10.45 -3.18
N HIS A 9 -1.74 9.84 -3.84
CA HIS A 9 -1.83 8.38 -3.92
C HIS A 9 -1.13 7.91 -5.20
N ASP A 10 -0.04 8.53 -5.56
CA ASP A 10 0.72 8.14 -6.79
C ASP A 10 0.62 6.62 -7.02
N LYS A 11 -0.35 6.20 -7.79
CA LYS A 11 -0.50 4.74 -8.06
C LYS A 11 0.73 4.22 -8.80
N GLY A 12 1.47 3.31 -8.22
CA GLY A 12 2.67 2.79 -8.92
C GLY A 12 3.85 2.72 -7.94
N LYS A 13 3.84 3.54 -6.94
CA LYS A 13 4.95 3.53 -5.95
C LYS A 13 4.91 2.23 -5.21
N SER A 14 5.26 1.18 -5.91
CA SER A 14 5.27 -0.17 -5.33
C SER A 14 4.26 -0.24 -4.24
N ILE A 15 3.11 -0.79 -4.54
CA ILE A 15 2.05 -0.94 -3.51
C ILE A 15 2.76 -1.23 -2.20
N GLN A 16 3.85 -1.92 -2.33
CA GLN A 16 4.77 -2.19 -1.21
C GLN A 16 4.73 -0.97 -0.28
N ASP A 17 4.71 0.21 -0.87
CA ASP A 17 4.68 1.44 -0.03
C ASP A 17 3.25 1.79 0.30
N LEU A 18 2.34 1.75 -0.65
CA LEU A 18 0.92 2.02 -0.31
C LEU A 18 0.62 1.19 0.93
N ARG A 19 1.34 0.11 1.06
CA ARG A 19 1.21 -0.80 2.22
C ARG A 19 1.81 -0.12 3.45
N ARG A 20 3.01 0.35 3.35
CA ARG A 20 3.64 1.00 4.53
C ARG A 20 2.79 2.20 4.96
N ARG A 21 2.15 2.87 4.04
CA ARG A 21 1.26 3.98 4.48
C ARG A 21 0.28 3.35 5.47
N PHE A 22 0.01 2.08 5.28
CA PHE A 22 -0.89 1.35 6.19
C PHE A 22 -0.05 0.60 7.23
N PHE A 23 1.19 0.29 6.88
CA PHE A 23 2.11 -0.45 7.81
C PHE A 23 1.66 -0.26 9.26
N LEU A 24 1.97 0.87 9.84
CA LEU A 24 1.55 1.13 11.24
C LEU A 24 0.02 1.15 11.29
N HIS A 25 -0.60 1.71 10.28
CA HIS A 25 -2.09 1.73 10.25
C HIS A 25 -2.60 0.36 10.67
N HIS A 26 -1.92 -0.67 10.25
CA HIS A 26 -2.32 -2.06 10.61
C HIS A 26 -1.93 -2.34 12.05
N LEU A 27 -0.66 -2.43 12.32
CA LEU A 27 -0.20 -2.71 13.71
C LEU A 27 -0.87 -1.75 14.69
N ILE A 28 -0.55 -1.85 15.95
CA ILE A 28 -1.15 -0.95 16.96
C ILE A 28 -2.65 -1.23 17.08
N ALA A 29 -3.38 -1.09 16.01
CA ALA A 29 -4.84 -1.36 16.07
C ALA A 29 -5.38 -1.53 14.65
N GLU A 30 -5.40 -2.73 14.15
CA GLU A 30 -5.90 -2.97 12.77
C GLU A 30 -7.41 -2.71 12.72
N ILE A 31 -7.89 -2.22 11.61
CA ILE A 31 -9.35 -1.97 11.50
C ILE A 31 -10.11 -3.24 11.81
N HIS A 32 -10.83 -3.22 12.89
CA HIS A 32 -11.60 -4.42 13.30
C HIS A 32 -12.80 -4.61 12.36
N THR A 33 -12.56 -4.68 11.07
CA THR A 33 -13.69 -4.86 10.12
C THR A 33 -14.86 -3.97 10.52
N ALA A 34 -14.64 -2.68 10.62
CA ALA A 34 -15.75 -1.77 11.02
C ALA A 34 -16.69 -1.57 9.84
N ALA A 1 -10.78 7.75 -14.99
CA ALA A 1 -9.60 8.49 -15.51
C ALA A 1 -8.72 8.95 -14.34
N VAL A 2 -7.74 9.78 -14.61
CA VAL A 2 -6.85 10.26 -13.52
C VAL A 2 -7.69 10.82 -12.37
N SER A 3 -7.18 10.79 -11.18
CA SER A 3 -7.94 11.34 -10.02
C SER A 3 -6.98 12.08 -9.09
N GLU A 4 -7.46 13.10 -8.42
CA GLU A 4 -6.58 13.87 -7.50
C GLU A 4 -6.14 12.99 -6.34
N HIS A 5 -7.07 12.43 -5.62
CA HIS A 5 -6.71 11.56 -4.47
C HIS A 5 -5.63 10.55 -4.90
N GLN A 6 -5.53 10.29 -6.17
CA GLN A 6 -4.50 9.32 -6.64
C GLN A 6 -3.17 10.02 -6.84
N LEU A 7 -3.00 11.13 -6.19
CA LEU A 7 -1.72 11.88 -6.27
C LEU A 7 -0.96 11.59 -5.00
N LEU A 8 -1.47 12.04 -3.88
CA LEU A 8 -0.81 11.75 -2.61
C LEU A 8 -0.84 10.23 -2.46
N HIS A 9 -1.97 9.65 -2.75
CA HIS A 9 -2.13 8.20 -2.68
C HIS A 9 -1.86 7.59 -4.05
N ASP A 10 -0.82 8.05 -4.71
CA ASP A 10 -0.49 7.52 -6.06
C ASP A 10 -0.74 6.01 -6.13
N LYS A 11 -1.90 5.60 -6.54
CA LYS A 11 -2.21 4.16 -6.63
C LYS A 11 -1.29 3.52 -7.67
N GLY A 12 -0.28 2.81 -7.24
CA GLY A 12 0.65 2.18 -8.21
C GLY A 12 2.08 2.27 -7.68
N LYS A 13 2.29 3.12 -6.70
CA LYS A 13 3.64 3.26 -6.11
C LYS A 13 3.98 2.02 -5.37
N SER A 14 4.04 0.94 -6.09
CA SER A 14 4.38 -0.33 -5.46
C SER A 14 3.63 -0.41 -4.16
N ILE A 15 2.48 -1.05 -4.17
CA ILE A 15 1.69 -1.17 -2.91
C ILE A 15 2.68 -1.34 -1.78
N GLN A 16 3.78 -1.98 -2.13
CA GLN A 16 4.94 -2.10 -1.22
C GLN A 16 4.98 -0.85 -0.35
N ASP A 17 4.74 0.29 -0.96
CA ASP A 17 4.75 1.55 -0.19
C ASP A 17 3.37 1.82 0.40
N LEU A 18 2.33 1.75 -0.39
CA LEU A 18 0.98 1.97 0.20
C LEU A 18 0.90 1.07 1.43
N ARG A 19 1.66 0.01 1.39
CA ARG A 19 1.73 -0.93 2.54
C ARG A 19 2.35 -0.19 3.71
N ARG A 20 3.40 0.54 3.46
CA ARG A 20 4.05 1.29 4.55
C ARG A 20 3.15 2.46 4.94
N ARG A 21 2.20 2.78 4.11
CA ARG A 21 1.25 3.85 4.50
C ARG A 21 0.39 3.23 5.58
N PHE A 22 0.17 1.95 5.46
CA PHE A 22 -0.61 1.21 6.48
C PHE A 22 0.37 0.61 7.49
N PHE A 23 1.61 0.48 7.10
CA PHE A 23 2.66 -0.10 8.00
C PHE A 23 2.25 0.06 9.47
N LEU A 24 1.97 1.27 9.87
CA LEU A 24 1.56 1.51 11.28
C LEU A 24 0.04 1.50 11.37
N HIS A 25 -0.63 1.83 10.29
CA HIS A 25 -2.12 1.84 10.30
C HIS A 25 -2.64 0.40 10.22
N HIS A 26 -1.84 -0.51 9.74
CA HIS A 26 -2.28 -1.93 9.62
C HIS A 26 -2.22 -2.62 10.98
N LEU A 27 -1.11 -2.52 11.64
CA LEU A 27 -0.98 -3.20 12.97
C LEU A 27 -1.68 -2.39 14.06
N ILE A 28 -2.42 -1.38 13.68
CA ILE A 28 -3.13 -0.57 14.71
C ILE A 28 -4.64 -0.61 14.47
N ALA A 29 -5.05 -1.14 13.34
CA ALA A 29 -6.51 -1.22 13.04
C ALA A 29 -6.73 -1.65 11.60
N GLU A 30 -7.90 -2.15 11.29
CA GLU A 30 -8.19 -2.60 9.90
C GLU A 30 -9.67 -2.95 9.79
N ILE A 31 -10.32 -2.53 8.73
CA ILE A 31 -11.78 -2.84 8.59
C ILE A 31 -12.03 -3.55 7.25
N HIS A 32 -11.14 -4.43 6.89
CA HIS A 32 -11.31 -5.16 5.61
C HIS A 32 -11.69 -6.61 5.91
N THR A 33 -12.71 -6.81 6.72
CA THR A 33 -13.12 -8.20 7.05
C THR A 33 -11.89 -9.01 7.46
N ALA A 34 -11.19 -8.57 8.47
CA ALA A 34 -9.98 -9.32 8.91
C ALA A 34 -9.66 -8.95 10.37
N ALA A 1 12.78 -8.55 -20.46
CA ALA A 1 12.30 -8.75 -19.06
C ALA A 1 12.30 -7.41 -18.33
N VAL A 2 13.45 -6.89 -18.02
CA VAL A 2 13.50 -5.58 -17.30
C VAL A 2 12.54 -4.60 -17.97
N SER A 3 12.26 -4.79 -19.23
CA SER A 3 11.31 -3.88 -19.95
C SER A 3 11.52 -2.43 -19.52
N GLU A 4 12.28 -1.68 -20.28
CA GLU A 4 12.52 -0.26 -19.93
C GLU A 4 11.21 0.40 -19.49
N HIS A 5 10.16 0.21 -20.24
CA HIS A 5 8.86 0.83 -19.88
C HIS A 5 8.61 0.72 -18.38
N GLN A 6 9.11 -0.32 -17.75
CA GLN A 6 8.90 -0.43 -16.29
C GLN A 6 9.29 0.91 -15.67
N LEU A 7 9.06 1.09 -14.39
CA LEU A 7 9.40 2.42 -13.81
C LEU A 7 8.38 3.41 -14.34
N LEU A 8 8.41 3.68 -15.62
CA LEU A 8 7.42 4.58 -16.19
C LEU A 8 6.09 3.83 -16.19
N HIS A 9 6.16 2.55 -16.45
CA HIS A 9 4.95 1.71 -16.46
C HIS A 9 4.44 1.51 -15.04
N ASP A 10 5.16 2.00 -14.07
CA ASP A 10 4.74 1.89 -12.65
C ASP A 10 3.86 0.66 -12.41
N LYS A 11 4.46 -0.50 -12.28
CA LYS A 11 3.66 -1.72 -12.04
C LYS A 11 2.64 -1.43 -10.94
N GLY A 12 2.93 -0.49 -10.09
CA GLY A 12 1.98 -0.16 -8.99
C GLY A 12 2.52 1.02 -8.15
N LYS A 13 3.82 1.18 -8.08
CA LYS A 13 4.42 2.31 -7.32
C LYS A 13 3.89 2.37 -5.91
N SER A 14 4.77 2.55 -4.97
CA SER A 14 4.34 2.58 -3.56
C SER A 14 3.26 1.53 -3.39
N ILE A 15 3.46 0.48 -4.11
CA ILE A 15 2.53 -0.66 -4.06
C ILE A 15 3.02 -1.44 -2.88
N GLN A 16 4.29 -1.72 -2.93
CA GLN A 16 4.97 -2.38 -1.82
C GLN A 16 4.87 -1.40 -0.66
N ASP A 17 4.63 -0.15 -0.98
CA ASP A 17 4.50 0.88 0.07
C ASP A 17 3.04 1.01 0.46
N LEU A 18 2.11 0.80 -0.45
CA LEU A 18 0.67 0.86 -0.05
C LEU A 18 0.57 0.04 1.24
N ARG A 19 1.44 -0.92 1.33
CA ARG A 19 1.55 -1.78 2.51
C ARG A 19 2.09 -0.94 3.66
N ARG A 20 3.20 -0.28 3.43
CA ARG A 20 3.78 0.56 4.51
C ARG A 20 2.85 1.74 4.75
N ARG A 21 2.23 2.25 3.73
CA ARG A 21 1.26 3.35 3.96
C ARG A 21 0.29 2.82 5.01
N PHE A 22 0.13 1.51 5.03
CA PHE A 22 -0.75 0.87 6.03
C PHE A 22 0.10 0.37 7.20
N PHE A 23 1.36 0.07 6.92
CA PHE A 23 2.31 -0.44 7.97
C PHE A 23 1.82 -0.04 9.36
N LEU A 24 2.01 1.20 9.72
CA LEU A 24 1.55 1.67 11.06
C LEU A 24 0.03 1.64 11.10
N HIS A 25 -0.61 2.06 10.04
CA HIS A 25 -2.10 2.04 10.02
C HIS A 25 -2.57 0.65 10.49
N HIS A 26 -1.89 -0.38 10.09
CA HIS A 26 -2.28 -1.75 10.50
C HIS A 26 -2.03 -1.92 12.00
N LEU A 27 -0.80 -1.82 12.42
CA LEU A 27 -0.47 -1.99 13.87
C LEU A 27 -1.15 -0.89 14.68
N ILE A 28 -0.77 -0.74 15.92
CA ILE A 28 -1.39 0.32 16.78
C ILE A 28 -2.86 -0.02 17.03
N ALA A 29 -3.64 -0.15 16.00
CA ALA A 29 -5.07 -0.47 16.17
C ALA A 29 -5.54 -1.34 15.00
N GLU A 30 -6.78 -1.75 15.01
CA GLU A 30 -7.29 -2.60 13.90
C GLU A 30 -6.47 -3.88 13.82
N ILE A 31 -7.07 -5.01 14.09
CA ILE A 31 -6.31 -6.30 14.03
C ILE A 31 -7.14 -7.33 13.26
N HIS A 32 -7.83 -6.89 12.26
CA HIS A 32 -8.65 -7.82 11.45
C HIS A 32 -9.62 -6.99 10.58
N THR A 33 -9.11 -6.34 9.57
CA THR A 33 -9.99 -5.53 8.69
C THR A 33 -9.41 -5.47 7.28
N ALA A 34 -9.14 -6.62 6.70
CA ALA A 34 -8.56 -6.62 5.33
C ALA A 34 -9.24 -7.72 4.49
N ALA A 1 -10.77 5.53 -26.57
CA ALA A 1 -10.66 4.28 -25.77
C ALA A 1 -9.29 4.23 -25.09
N VAL A 2 -9.23 4.58 -23.83
CA VAL A 2 -7.93 4.55 -23.11
C VAL A 2 -7.20 3.25 -23.42
N SER A 3 -5.90 3.28 -23.42
CA SER A 3 -5.12 2.04 -23.72
C SER A 3 -5.52 0.93 -22.74
N GLU A 4 -4.97 -0.24 -22.89
CA GLU A 4 -5.31 -1.35 -21.96
C GLU A 4 -4.18 -1.55 -20.95
N HIS A 5 -2.97 -1.36 -21.38
CA HIS A 5 -1.81 -1.55 -20.45
C HIS A 5 -2.15 -0.98 -19.08
N GLN A 6 -3.00 0.00 -19.02
CA GLN A 6 -3.36 0.56 -17.69
C GLN A 6 -3.66 -0.61 -16.75
N LEU A 7 -3.78 -0.38 -15.49
CA LEU A 7 -4.05 -1.51 -14.57
C LEU A 7 -2.80 -2.40 -14.55
N LEU A 8 -2.50 -3.08 -15.63
CA LEU A 8 -1.28 -3.88 -15.65
C LEU A 8 -0.13 -2.91 -15.46
N HIS A 9 -0.12 -1.89 -16.28
CA HIS A 9 0.91 -0.86 -16.19
C HIS A 9 1.13 -0.49 -14.73
N ASP A 10 0.17 0.13 -14.12
CA ASP A 10 0.30 0.53 -12.70
C ASP A 10 -0.30 -0.55 -11.80
N LYS A 11 0.32 -1.70 -11.74
CA LYS A 11 -0.23 -2.79 -10.88
C LYS A 11 -0.62 -2.20 -9.53
N GLY A 12 0.14 -1.26 -9.04
CA GLY A 12 -0.19 -0.64 -7.72
C GLY A 12 1.06 0.03 -7.14
N LYS A 13 1.86 0.62 -8.00
CA LYS A 13 3.13 1.32 -7.57
C LYS A 13 3.07 1.77 -6.14
N SER A 14 4.22 1.85 -5.53
CA SER A 14 4.24 2.19 -4.10
C SER A 14 3.22 1.24 -3.51
N ILE A 15 3.21 0.09 -4.10
CA ILE A 15 2.29 -0.98 -3.71
C ILE A 15 2.87 -1.53 -2.42
N GLN A 16 4.08 -1.97 -2.56
CA GLN A 16 4.85 -2.44 -1.40
C GLN A 16 4.87 -1.27 -0.43
N ASP A 17 4.62 -0.09 -0.95
CA ASP A 17 4.59 1.10 -0.09
C ASP A 17 3.17 1.26 0.44
N LEU A 18 2.16 1.01 -0.38
CA LEU A 18 0.78 1.10 0.14
C LEU A 18 0.76 0.28 1.42
N ARG A 19 1.62 -0.70 1.44
CA ARG A 19 1.78 -1.57 2.62
C ARG A 19 2.38 -0.73 3.73
N ARG A 20 3.44 -0.02 3.43
CA ARG A 20 4.07 0.84 4.46
C ARG A 20 3.15 2.06 4.67
N ARG A 21 2.19 2.23 3.81
CA ARG A 21 1.23 3.34 3.99
C ARG A 21 0.31 2.85 5.10
N PHE A 22 0.08 1.57 5.11
CA PHE A 22 -0.74 0.96 6.17
C PHE A 22 0.18 0.55 7.31
N PHE A 23 1.44 0.34 7.00
CA PHE A 23 2.46 -0.07 8.01
C PHE A 23 1.98 0.21 9.43
N LEU A 24 2.01 1.45 9.84
CA LEU A 24 1.54 1.80 11.20
C LEU A 24 0.01 1.82 11.22
N HIS A 25 -0.60 2.14 10.11
CA HIS A 25 -2.09 2.17 10.06
C HIS A 25 -2.63 0.76 10.26
N HIS A 26 -1.84 -0.25 9.99
CA HIS A 26 -2.32 -1.65 10.15
C HIS A 26 -2.14 -2.11 11.60
N LEU A 27 -0.92 -2.39 11.98
CA LEU A 27 -0.67 -2.85 13.38
C LEU A 27 -1.42 -1.95 14.36
N ILE A 28 -1.03 -0.70 14.46
CA ILE A 28 -1.72 0.22 15.39
C ILE A 28 -3.14 0.49 14.88
N ALA A 29 -3.30 1.50 14.08
CA ALA A 29 -4.66 1.81 13.54
C ALA A 29 -5.22 0.57 12.84
N GLU A 30 -6.47 0.61 12.48
CA GLU A 30 -7.08 -0.57 11.79
C GLU A 30 -8.28 -0.09 10.96
N ILE A 31 -8.05 0.21 9.70
CA ILE A 31 -9.16 0.68 8.85
C ILE A 31 -9.55 -0.42 7.86
N HIS A 32 -9.63 -1.62 8.32
CA HIS A 32 -9.99 -2.76 7.44
C HIS A 32 -11.33 -2.47 6.74
N THR A 33 -11.30 -1.72 5.68
CA THR A 33 -12.57 -1.39 4.95
C THR A 33 -12.37 -1.62 3.46
N ALA A 34 -12.27 -2.85 3.04
CA ALA A 34 -12.07 -3.13 1.59
C ALA A 34 -13.42 -3.11 0.88
N ALA A 1 14.35 0.95 -28.88
CA ALA A 1 15.45 -0.04 -28.84
C ALA A 1 15.55 -0.64 -27.44
N VAL A 2 15.73 0.19 -26.45
CA VAL A 2 15.83 -0.32 -25.05
C VAL A 2 14.76 -1.39 -24.81
N SER A 3 14.93 -2.20 -23.79
CA SER A 3 13.92 -3.24 -23.50
C SER A 3 12.55 -2.59 -23.28
N GLU A 4 11.56 -3.01 -24.02
CA GLU A 4 10.21 -2.41 -23.85
C GLU A 4 9.59 -2.91 -22.55
N HIS A 5 10.01 -4.07 -22.11
CA HIS A 5 9.45 -4.62 -20.85
C HIS A 5 9.36 -3.52 -19.79
N GLN A 6 10.22 -2.54 -19.85
CA GLN A 6 10.16 -1.45 -18.85
C GLN A 6 8.70 -1.05 -18.63
N LEU A 7 8.42 -0.44 -17.52
CA LEU A 7 7.01 -0.04 -17.23
C LEU A 7 6.19 -1.28 -16.82
N LEU A 8 6.26 -2.35 -17.58
CA LEU A 8 5.49 -3.55 -17.24
C LEU A 8 6.01 -4.15 -15.92
N HIS A 9 7.12 -3.66 -15.43
CA HIS A 9 7.67 -4.21 -14.16
C HIS A 9 6.90 -3.60 -13.02
N ASP A 10 6.50 -2.41 -13.23
CA ASP A 10 5.72 -1.66 -12.24
C ASP A 10 4.70 -2.59 -11.57
N LYS A 11 5.07 -3.18 -10.46
CA LYS A 11 4.14 -4.08 -9.75
C LYS A 11 2.98 -3.26 -9.16
N GLY A 12 3.04 -1.97 -9.29
CA GLY A 12 1.93 -1.13 -8.74
C GLY A 12 2.52 0.15 -8.11
N LYS A 13 3.83 0.26 -8.07
CA LYS A 13 4.48 1.47 -7.52
C LYS A 13 3.96 1.80 -6.14
N SER A 14 4.86 2.05 -5.23
CA SER A 14 4.44 2.33 -3.83
C SER A 14 3.32 1.38 -3.52
N ILE A 15 3.48 0.21 -4.04
CA ILE A 15 2.52 -0.87 -3.82
C ILE A 15 2.99 -1.51 -2.53
N GLN A 16 4.24 -1.85 -2.55
CA GLN A 16 4.89 -2.38 -1.34
C GLN A 16 4.81 -1.25 -0.33
N ASP A 17 4.67 -0.06 -0.82
CA ASP A 17 4.54 1.11 0.07
C ASP A 17 3.06 1.30 0.40
N LEU A 18 2.20 1.06 -0.55
CA LEU A 18 0.75 1.15 -0.24
C LEU A 18 0.55 0.32 1.01
N ARG A 19 1.41 -0.65 1.16
CA ARG A 19 1.39 -1.53 2.33
C ARG A 19 1.97 -0.75 3.51
N ARG A 20 3.17 -0.24 3.37
CA ARG A 20 3.76 0.53 4.49
C ARG A 20 2.91 1.76 4.74
N ARG A 21 2.21 2.23 3.74
CA ARG A 21 1.32 3.38 3.97
C ARG A 21 0.32 2.90 5.01
N PHE A 22 0.04 1.61 4.97
CA PHE A 22 -0.89 1.01 5.96
C PHE A 22 -0.06 0.42 7.11
N PHE A 23 1.20 0.11 6.83
CA PHE A 23 2.10 -0.49 7.88
C PHE A 23 1.65 -0.04 9.27
N LEU A 24 2.05 1.13 9.67
CA LEU A 24 1.66 1.65 11.00
C LEU A 24 0.15 1.63 11.12
N HIS A 25 -0.55 2.08 10.11
CA HIS A 25 -2.05 2.06 10.19
C HIS A 25 -2.50 0.67 10.63
N HIS A 26 -1.83 -0.34 10.15
CA HIS A 26 -2.19 -1.73 10.52
C HIS A 26 -1.91 -1.97 12.00
N LEU A 27 -0.66 -1.99 12.37
CA LEU A 27 -0.28 -2.22 13.79
C LEU A 27 -1.30 -1.56 14.73
N ILE A 28 -1.89 -0.47 14.32
CA ILE A 28 -2.89 0.20 15.20
C ILE A 28 -4.29 -0.02 14.64
N ALA A 29 -4.74 0.83 13.77
CA ALA A 29 -6.10 0.67 13.18
C ALA A 29 -6.22 -0.71 12.54
N GLU A 30 -7.19 -1.49 12.96
CA GLU A 30 -7.37 -2.83 12.36
C GLU A 30 -8.66 -3.46 12.91
N ILE A 31 -9.39 -4.14 12.08
CA ILE A 31 -10.66 -4.78 12.55
C ILE A 31 -11.57 -3.71 13.16
N HIS A 32 -12.65 -3.40 12.52
CA HIS A 32 -13.58 -2.38 13.05
C HIS A 32 -14.44 -2.99 14.15
N THR A 33 -14.02 -2.88 15.37
CA THR A 33 -14.82 -3.46 16.50
C THR A 33 -16.14 -2.70 16.62
N ALA A 34 -17.24 -3.37 16.42
CA ALA A 34 -18.56 -2.68 16.53
C ALA A 34 -19.50 -3.54 17.39
N ALA A 1 5.24 0.51 -26.11
CA ALA A 1 3.97 -0.21 -26.41
C ALA A 1 3.52 -1.00 -25.18
N VAL A 2 2.55 -1.86 -25.33
CA VAL A 2 2.07 -2.66 -24.18
C VAL A 2 3.25 -3.15 -23.35
N SER A 3 4.38 -3.37 -23.99
CA SER A 3 5.59 -3.85 -23.27
C SER A 3 5.22 -4.90 -22.21
N GLU A 4 5.44 -6.15 -22.51
CA GLU A 4 5.11 -7.22 -21.53
C GLU A 4 5.57 -6.80 -20.13
N HIS A 5 6.66 -6.08 -20.06
CA HIS A 5 7.16 -5.63 -18.73
C HIS A 5 6.04 -4.99 -17.94
N GLN A 6 4.99 -4.55 -18.59
CA GLN A 6 3.87 -3.94 -17.83
C GLN A 6 3.56 -4.85 -16.64
N LEU A 7 2.73 -4.42 -15.74
CA LEU A 7 2.45 -5.28 -14.56
C LEU A 7 3.72 -5.32 -13.72
N LEU A 8 4.77 -5.94 -14.20
CA LEU A 8 6.02 -5.94 -13.45
C LEU A 8 6.41 -4.48 -13.27
N HIS A 9 6.28 -3.75 -14.33
CA HIS A 9 6.60 -2.32 -14.34
C HIS A 9 5.92 -1.62 -13.16
N ASP A 10 4.65 -1.40 -13.26
CA ASP A 10 3.92 -0.70 -12.18
C ASP A 10 3.59 -1.67 -11.04
N LYS A 11 3.10 -2.84 -11.38
CA LYS A 11 2.77 -3.85 -10.34
C LYS A 11 2.02 -3.18 -9.16
N GLY A 12 1.40 -2.07 -9.39
CA GLY A 12 0.65 -1.40 -8.28
C GLY A 12 1.37 -0.11 -7.86
N LYS A 13 2.67 -0.05 -8.05
CA LYS A 13 3.43 1.17 -7.70
C LYS A 13 3.17 1.61 -6.27
N SER A 14 4.22 1.92 -5.56
CA SER A 14 4.05 2.29 -4.14
C SER A 14 3.03 1.35 -3.57
N ILE A 15 3.12 0.15 -4.05
CA ILE A 15 2.21 -0.92 -3.61
C ILE A 15 2.90 -1.47 -2.39
N GLN A 16 4.12 -1.84 -2.59
CA GLN A 16 4.96 -2.29 -1.48
C GLN A 16 4.97 -1.14 -0.49
N ASP A 17 4.72 0.04 -1.00
CA ASP A 17 4.66 1.22 -0.10
C ASP A 17 3.23 1.35 0.41
N LEU A 18 2.27 1.11 -0.44
CA LEU A 18 0.86 1.17 0.01
C LEU A 18 0.79 0.29 1.26
N ARG A 19 1.67 -0.67 1.31
CA ARG A 19 1.77 -1.59 2.47
C ARG A 19 2.26 -0.78 3.66
N ARG A 20 3.42 -0.22 3.57
CA ARG A 20 3.91 0.59 4.71
C ARG A 20 2.95 1.77 4.87
N ARG A 21 2.32 2.19 3.82
CA ARG A 21 1.32 3.27 3.99
C ARG A 21 0.37 2.75 5.07
N PHE A 22 0.16 1.46 5.05
CA PHE A 22 -0.67 0.83 6.09
C PHE A 22 0.23 0.43 7.25
N PHE A 23 1.49 0.16 6.95
CA PHE A 23 2.49 -0.27 8.00
C PHE A 23 1.95 -0.01 9.40
N LEU A 24 2.01 1.22 9.84
CA LEU A 24 1.51 1.57 11.20
C LEU A 24 -0.02 1.57 11.16
N HIS A 25 -0.59 2.02 10.08
CA HIS A 25 -2.08 2.02 9.98
C HIS A 25 -2.60 0.61 10.29
N HIS A 26 -1.85 -0.39 9.94
CA HIS A 26 -2.29 -1.79 10.21
C HIS A 26 -2.12 -2.12 11.70
N LEU A 27 -0.98 -1.84 12.24
CA LEU A 27 -0.73 -2.14 13.67
C LEU A 27 -1.57 -1.21 14.55
N ILE A 28 -1.81 -0.01 14.09
CA ILE A 28 -2.63 0.94 14.90
C ILE A 28 -4.01 1.11 14.26
N ALA A 29 -4.56 0.06 13.71
CA ALA A 29 -5.90 0.15 13.08
C ALA A 29 -6.12 -1.04 12.15
N GLU A 30 -7.05 -1.89 12.47
CA GLU A 30 -7.30 -3.08 11.61
C GLU A 30 -8.77 -3.08 11.16
N ILE A 31 -9.06 -3.67 10.03
CA ILE A 31 -10.48 -3.71 9.56
C ILE A 31 -11.21 -4.82 10.30
N HIS A 32 -12.01 -4.47 11.25
CA HIS A 32 -12.76 -5.50 12.00
C HIS A 32 -13.36 -6.53 11.04
N THR A 33 -12.69 -7.63 10.83
CA THR A 33 -13.22 -8.66 9.90
C THR A 33 -14.46 -9.31 10.50
N ALA A 34 -15.61 -8.74 10.28
CA ALA A 34 -16.86 -9.33 10.85
C ALA A 34 -17.93 -9.39 9.75
N ALA A 1 23.06 -14.13 -9.44
CA ALA A 1 23.63 -13.64 -8.17
C ALA A 1 22.55 -12.89 -7.38
N VAL A 2 21.42 -13.51 -7.16
CA VAL A 2 20.33 -12.82 -6.41
C VAL A 2 20.89 -12.23 -5.12
N SER A 3 20.28 -11.19 -4.62
CA SER A 3 20.77 -10.56 -3.36
C SER A 3 19.61 -10.47 -2.36
N GLU A 4 19.91 -10.37 -1.10
CA GLU A 4 18.83 -10.29 -0.08
C GLU A 4 18.26 -8.87 -0.05
N HIS A 5 19.07 -7.91 0.33
CA HIS A 5 18.59 -6.51 0.39
C HIS A 5 17.74 -6.20 -0.83
N GLN A 6 18.08 -6.74 -1.96
CA GLN A 6 17.26 -6.46 -3.17
C GLN A 6 15.79 -6.62 -2.81
N LEU A 7 14.90 -6.10 -3.61
CA LEU A 7 13.45 -6.22 -3.26
C LEU A 7 13.11 -5.29 -2.10
N LEU A 8 13.84 -5.36 -1.01
CA LEU A 8 13.56 -4.49 0.14
C LEU A 8 13.72 -3.02 -0.27
N HIS A 9 14.43 -2.76 -1.33
CA HIS A 9 14.62 -1.36 -1.77
C HIS A 9 13.38 -0.94 -2.53
N ASP A 10 12.79 -1.90 -3.16
CA ASP A 10 11.60 -1.68 -3.98
C ASP A 10 10.35 -1.87 -3.11
N LYS A 11 10.51 -1.94 -1.83
CA LYS A 11 9.33 -2.12 -0.96
C LYS A 11 8.52 -0.82 -0.89
N GLY A 12 8.33 -0.15 -1.99
CA GLY A 12 7.54 1.09 -1.94
C GLY A 12 7.05 1.48 -3.34
N LYS A 13 7.09 0.59 -4.29
CA LYS A 13 6.62 0.91 -5.67
C LYS A 13 5.14 1.32 -5.69
N SER A 14 4.70 2.19 -4.83
CA SER A 14 3.26 2.57 -4.88
C SER A 14 2.44 1.32 -4.71
N ILE A 15 2.75 0.61 -3.69
CA ILE A 15 2.08 -0.67 -3.38
C ILE A 15 2.95 -1.35 -2.38
N GLN A 16 4.13 -1.68 -2.79
CA GLN A 16 5.11 -2.24 -1.87
C GLN A 16 5.15 -1.29 -0.69
N ASP A 17 4.81 -0.04 -0.95
CA ASP A 17 4.76 0.98 0.12
C ASP A 17 3.32 1.04 0.61
N LEU A 18 2.37 0.84 -0.27
CA LEU A 18 0.94 0.85 0.17
C LEU A 18 0.89 0.01 1.44
N ARG A 19 1.79 -0.94 1.50
CA ARG A 19 1.92 -1.81 2.67
C ARG A 19 2.44 -0.98 3.83
N ARG A 20 3.51 -0.26 3.62
CA ARG A 20 4.05 0.61 4.69
C ARG A 20 3.11 1.81 4.87
N ARG A 21 2.45 2.20 3.81
CA ARG A 21 1.47 3.30 3.95
C ARG A 21 0.49 2.81 4.99
N PHE A 22 0.27 1.51 5.00
CA PHE A 22 -0.62 0.88 6.00
C PHE A 22 0.22 0.45 7.21
N PHE A 23 1.49 0.19 6.98
CA PHE A 23 2.42 -0.26 8.07
C PHE A 23 1.85 0.07 9.45
N LEU A 24 1.94 1.32 9.83
CA LEU A 24 1.40 1.74 11.16
C LEU A 24 -0.13 1.70 11.10
N HIS A 25 -0.70 2.06 9.97
CA HIS A 25 -2.19 2.03 9.87
C HIS A 25 -2.69 0.62 10.18
N HIS A 26 -1.85 -0.36 9.98
CA HIS A 26 -2.26 -1.76 10.25
C HIS A 26 -2.17 -2.06 11.75
N LEU A 27 -1.00 -1.93 12.31
CA LEU A 27 -0.82 -2.22 13.75
C LEU A 27 -1.63 -1.23 14.59
N ILE A 28 -1.83 -0.03 14.10
CA ILE A 28 -2.62 0.96 14.89
C ILE A 28 -3.82 1.43 14.07
N ALA A 29 -4.51 0.50 13.44
CA ALA A 29 -5.70 0.89 12.63
C ALA A 29 -6.04 -0.26 11.67
N GLU A 30 -7.05 -0.07 10.86
CA GLU A 30 -7.43 -1.14 9.90
C GLU A 30 -8.66 -0.69 9.09
N ILE A 31 -8.71 -1.05 7.83
CA ILE A 31 -9.87 -0.65 6.99
C ILE A 31 -10.10 0.85 7.11
N HIS A 32 -9.05 1.60 7.20
CA HIS A 32 -9.19 3.07 7.32
C HIS A 32 -10.15 3.59 6.26
N THR A 33 -11.31 4.04 6.66
CA THR A 33 -12.30 4.54 5.67
C THR A 33 -12.55 3.48 4.60
N ALA A 34 -13.64 2.78 4.68
CA ALA A 34 -13.94 1.74 3.66
C ALA A 34 -14.06 2.38 2.28
N ALA A 1 11.24 15.80 -16.45
CA ALA A 1 11.25 16.49 -15.13
C ALA A 1 10.56 15.60 -14.09
N VAL A 2 11.00 15.67 -12.86
CA VAL A 2 10.37 14.83 -11.80
C VAL A 2 8.85 14.89 -11.94
N SER A 3 8.17 13.82 -11.62
CA SER A 3 6.69 13.81 -11.73
C SER A 3 6.07 14.55 -10.54
N GLU A 4 4.86 15.00 -10.69
CA GLU A 4 4.20 15.74 -9.57
C GLU A 4 3.29 14.78 -8.79
N HIS A 5 2.33 14.21 -9.46
CA HIS A 5 1.40 13.26 -8.77
C HIS A 5 2.20 12.35 -7.85
N GLN A 6 3.43 12.09 -8.15
CA GLN A 6 4.23 11.19 -7.27
C GLN A 6 3.99 11.63 -5.82
N LEU A 7 4.38 10.83 -4.86
CA LEU A 7 4.12 11.22 -3.45
C LEU A 7 2.63 11.08 -3.21
N LEU A 8 1.82 11.85 -3.90
CA LEU A 8 0.38 11.74 -3.76
C LEU A 8 -0.05 10.48 -4.51
N HIS A 9 0.67 10.15 -5.54
CA HIS A 9 0.36 8.96 -6.35
C HIS A 9 0.40 7.71 -5.49
N ASP A 10 1.28 7.67 -4.53
CA ASP A 10 1.38 6.52 -3.60
C ASP A 10 0.90 5.23 -4.27
N LYS A 11 -0.38 4.94 -4.16
CA LYS A 11 -0.93 3.69 -4.78
C LYS A 11 -0.31 3.49 -6.16
N GLY A 12 0.79 2.80 -6.21
CA GLY A 12 1.48 2.59 -7.51
C GLY A 12 2.97 2.57 -7.21
N LYS A 13 3.36 3.32 -6.22
CA LYS A 13 4.77 3.32 -5.79
C LYS A 13 5.03 2.01 -5.17
N SER A 14 4.88 0.97 -5.93
CA SER A 14 5.03 -0.34 -5.34
C SER A 14 4.10 -0.35 -4.17
N ILE A 15 2.88 -0.80 -4.36
CA ILE A 15 1.90 -0.83 -3.23
C ILE A 15 2.71 -1.14 -1.98
N GLN A 16 3.77 -1.91 -2.19
CA GLN A 16 4.78 -2.20 -1.14
C GLN A 16 4.84 -0.99 -0.24
N ASP A 17 4.75 0.16 -0.85
CA ASP A 17 4.79 1.42 -0.07
C ASP A 17 3.38 1.75 0.39
N LEU A 18 2.42 1.78 -0.50
CA LEU A 18 1.03 2.06 -0.05
C LEU A 18 0.79 1.18 1.17
N ARG A 19 1.47 0.07 1.21
CA ARG A 19 1.40 -0.87 2.35
C ARG A 19 1.97 -0.16 3.57
N ARG A 20 3.18 0.31 3.46
CA ARG A 20 3.81 1.00 4.60
C ARG A 20 2.99 2.24 4.95
N ARG A 21 2.10 2.63 4.07
CA ARG A 21 1.21 3.77 4.40
C ARG A 21 0.22 3.22 5.41
N PHE A 22 -0.07 1.94 5.28
CA PHE A 22 -0.97 1.26 6.24
C PHE A 22 -0.11 0.61 7.32
N PHE A 23 1.14 0.35 6.98
CA PHE A 23 2.10 -0.28 7.95
C PHE A 23 1.65 -0.06 9.39
N LEU A 24 1.88 1.11 9.90
CA LEU A 24 1.47 1.43 11.29
C LEU A 24 -0.06 1.43 11.36
N HIS A 25 -0.71 1.99 10.38
CA HIS A 25 -2.20 2.01 10.41
C HIS A 25 -2.73 0.61 10.67
N HIS A 26 -2.07 -0.40 10.14
CA HIS A 26 -2.52 -1.79 10.36
C HIS A 26 -1.90 -2.36 11.63
N LEU A 27 -0.61 -2.59 11.60
CA LEU A 27 0.08 -3.16 12.79
C LEU A 27 -0.36 -2.43 14.07
N ILE A 28 -0.60 -1.16 13.99
CA ILE A 28 -1.02 -0.41 15.21
C ILE A 28 -2.41 -0.89 15.67
N ALA A 29 -3.11 -1.58 14.82
CA ALA A 29 -4.46 -2.07 15.21
C ALA A 29 -5.27 -0.90 15.79
N GLU A 30 -6.07 -0.26 14.98
CA GLU A 30 -6.86 0.90 15.48
C GLU A 30 -8.35 0.58 15.41
N ILE A 31 -8.95 0.23 16.51
CA ILE A 31 -10.40 -0.08 16.52
C ILE A 31 -11.17 1.11 17.12
N HIS A 32 -11.88 1.84 16.32
CA HIS A 32 -12.63 3.01 16.85
C HIS A 32 -14.07 2.98 16.31
N THR A 33 -14.78 1.92 16.57
CA THR A 33 -16.19 1.84 16.09
C THR A 33 -17.07 1.24 17.19
N ALA A 34 -17.00 1.78 18.38
CA ALA A 34 -17.82 1.25 19.50
C ALA A 34 -18.44 2.42 20.28
N ALA A 1 -2.12 -9.62 -14.63
CA ALA A 1 -0.79 -9.74 -13.96
C ALA A 1 -0.44 -8.42 -13.27
N VAL A 2 0.62 -8.40 -12.52
CA VAL A 2 1.02 -7.14 -11.81
C VAL A 2 0.85 -5.95 -12.75
N SER A 3 0.42 -4.84 -12.24
CA SER A 3 0.23 -3.64 -13.10
C SER A 3 1.53 -3.33 -13.85
N GLU A 4 1.51 -3.40 -15.15
CA GLU A 4 2.74 -3.12 -15.93
C GLU A 4 3.25 -1.72 -15.61
N HIS A 5 2.55 -0.70 -16.06
CA HIS A 5 2.98 0.69 -15.79
C HIS A 5 3.46 0.84 -14.36
N GLN A 6 2.62 1.28 -13.45
CA GLN A 6 3.09 1.48 -12.06
C GLN A 6 4.47 2.12 -12.14
N LEU A 7 5.27 2.05 -11.13
CA LEU A 7 6.64 2.66 -11.22
C LEU A 7 6.57 3.99 -11.97
N LEU A 8 6.52 3.95 -13.28
CA LEU A 8 6.40 5.19 -14.03
C LEU A 8 5.05 5.81 -13.68
N HIS A 9 4.04 4.98 -13.61
CA HIS A 9 2.69 5.45 -13.26
C HIS A 9 2.58 5.66 -11.75
N ASP A 10 3.66 5.49 -11.04
CA ASP A 10 3.68 5.69 -9.56
C ASP A 10 2.27 5.59 -8.96
N LYS A 11 1.58 4.51 -9.21
CA LYS A 11 0.20 4.36 -8.66
C LYS A 11 0.27 4.37 -7.14
N GLY A 12 1.34 3.84 -6.58
CA GLY A 12 1.49 3.81 -5.11
C GLY A 12 2.91 3.37 -4.82
N LYS A 13 3.83 3.81 -5.64
CA LYS A 13 5.25 3.46 -5.44
C LYS A 13 5.36 2.06 -4.98
N SER A 14 5.07 1.14 -5.85
CA SER A 14 5.11 -0.25 -5.42
C SER A 14 4.16 -0.30 -4.26
N ILE A 15 2.94 -0.71 -4.48
CA ILE A 15 1.97 -0.74 -3.36
C ILE A 15 2.73 -1.16 -2.10
N GLN A 16 3.77 -1.93 -2.32
CA GLN A 16 4.71 -2.29 -1.24
C GLN A 16 4.77 -1.09 -0.29
N ASP A 17 4.76 0.08 -0.86
CA ASP A 17 4.80 1.31 -0.04
C ASP A 17 3.39 1.73 0.34
N LEU A 18 2.46 1.74 -0.59
CA LEU A 18 1.07 2.09 -0.20
C LEU A 18 0.75 1.25 1.03
N ARG A 19 1.42 0.13 1.13
CA ARG A 19 1.26 -0.77 2.28
C ARG A 19 1.91 -0.09 3.50
N ARG A 20 3.10 0.40 3.35
CA ARG A 20 3.78 1.06 4.50
C ARG A 20 2.96 2.28 4.92
N ARG A 21 2.08 2.73 4.08
CA ARG A 21 1.22 3.87 4.49
C ARG A 21 0.24 3.29 5.50
N PHE A 22 -0.07 2.03 5.34
CA PHE A 22 -0.95 1.33 6.28
C PHE A 22 -0.09 0.60 7.31
N PHE A 23 1.15 0.34 6.94
CA PHE A 23 2.13 -0.37 7.85
C PHE A 23 1.70 -0.21 9.30
N LEU A 24 1.91 0.95 9.86
CA LEU A 24 1.49 1.19 11.27
C LEU A 24 -0.03 1.13 11.32
N HIS A 25 -0.69 1.74 10.36
CA HIS A 25 -2.18 1.71 10.36
C HIS A 25 -2.64 0.28 10.66
N HIS A 26 -1.95 -0.69 10.12
CA HIS A 26 -2.33 -2.11 10.35
C HIS A 26 -1.88 -2.56 11.74
N LEU A 27 -0.69 -2.19 12.13
CA LEU A 27 -0.18 -2.62 13.47
C LEU A 27 -0.69 -1.68 14.57
N ILE A 28 -1.53 -0.75 14.23
CA ILE A 28 -2.05 0.18 15.29
C ILE A 28 -3.52 -0.13 15.57
N ALA A 29 -4.28 -0.38 14.54
CA ALA A 29 -5.73 -0.69 14.73
C ALA A 29 -6.49 -0.45 13.42
N GLU A 30 -6.49 -1.40 12.54
CA GLU A 30 -7.21 -1.22 11.25
C GLU A 30 -8.65 -0.79 11.51
N ILE A 31 -9.15 0.12 10.73
CA ILE A 31 -10.55 0.59 10.95
C ILE A 31 -11.16 1.01 9.60
N HIS A 32 -11.85 0.12 8.95
CA HIS A 32 -12.46 0.46 7.63
C HIS A 32 -11.38 0.97 6.68
N THR A 33 -10.36 0.18 6.45
CA THR A 33 -9.27 0.62 5.53
C THR A 33 -9.45 -0.06 4.17
N ALA A 34 -9.45 0.70 3.12
CA ALA A 34 -9.62 0.09 1.76
C ALA A 34 -9.72 1.21 0.71
N ALA A 1 -8.64 17.34 -8.27
CA ALA A 1 -8.15 15.96 -8.56
C ALA A 1 -9.28 14.96 -8.31
N VAL A 2 -9.40 13.98 -9.15
CA VAL A 2 -10.48 12.96 -8.98
C VAL A 2 -10.56 12.57 -7.49
N SER A 3 -9.47 12.63 -6.79
CA SER A 3 -9.50 12.25 -5.34
C SER A 3 -8.60 13.20 -4.55
N GLU A 4 -8.95 13.46 -3.32
CA GLU A 4 -8.12 14.38 -2.49
C GLU A 4 -6.85 13.65 -2.05
N HIS A 5 -6.99 12.58 -1.32
CA HIS A 5 -5.80 11.82 -0.86
C HIS A 5 -4.87 11.53 -2.03
N GLN A 6 -5.37 11.59 -3.24
CA GLN A 6 -4.48 11.33 -4.39
C GLN A 6 -3.23 12.19 -4.21
N LEU A 7 -2.26 12.06 -5.05
CA LEU A 7 -1.03 12.87 -4.86
C LEU A 7 -0.34 12.34 -3.60
N LEU A 8 -0.93 12.55 -2.45
CA LEU A 8 -0.35 11.99 -1.24
C LEU A 8 -0.48 10.47 -1.38
N HIS A 9 -1.51 10.07 -2.07
CA HIS A 9 -1.77 8.65 -2.30
C HIS A 9 -1.22 8.24 -3.67
N ASP A 10 -0.07 8.76 -4.05
CA ASP A 10 0.55 8.42 -5.36
C ASP A 10 0.13 7.02 -5.81
N LYS A 11 -0.92 6.92 -6.58
CA LYS A 11 -1.38 5.58 -7.05
C LYS A 11 -0.20 4.80 -7.63
N GLY A 12 0.51 4.07 -6.81
CA GLY A 12 1.67 3.30 -7.31
C GLY A 12 2.70 3.26 -6.19
N LYS A 13 3.63 4.20 -6.17
CA LYS A 13 4.64 4.23 -5.07
C LYS A 13 4.91 2.84 -4.63
N SER A 14 4.96 1.97 -5.59
CA SER A 14 5.18 0.58 -5.24
C SER A 14 4.20 0.26 -4.15
N ILE A 15 3.02 -0.21 -4.50
CA ILE A 15 1.99 -0.56 -3.45
C ILE A 15 2.75 -1.10 -2.24
N GLN A 16 3.91 -1.69 -2.52
CA GLN A 16 4.84 -2.10 -1.45
C GLN A 16 4.77 -1.04 -0.37
N ASP A 17 4.53 0.17 -0.81
CA ASP A 17 4.42 1.32 0.12
C ASP A 17 2.98 1.43 0.58
N LEU A 18 2.01 1.33 -0.31
CA LEU A 18 0.59 1.38 0.14
C LEU A 18 0.50 0.51 1.37
N ARG A 19 1.33 -0.50 1.38
CA ARG A 19 1.42 -1.41 2.53
C ARG A 19 1.98 -0.58 3.69
N ARG A 20 3.19 -0.11 3.54
CA ARG A 20 3.79 0.72 4.60
C ARG A 20 2.85 1.89 4.89
N ARG A 21 2.21 2.43 3.89
CA ARG A 21 1.23 3.51 4.16
C ARG A 21 0.32 2.97 5.24
N PHE A 22 0.09 1.69 5.20
CA PHE A 22 -0.72 1.04 6.24
C PHE A 22 0.22 0.60 7.36
N PHE A 23 1.46 0.31 7.00
CA PHE A 23 2.49 -0.15 8.00
C PHE A 23 2.01 0.05 9.43
N LEU A 24 2.01 1.27 9.89
CA LEU A 24 1.53 1.57 11.26
C LEU A 24 0.00 1.49 11.29
N HIS A 25 -0.65 2.01 10.28
CA HIS A 25 -2.13 1.95 10.26
C HIS A 25 -2.58 0.48 10.37
N HIS A 26 -1.76 -0.43 9.92
CA HIS A 26 -2.11 -1.86 9.99
C HIS A 26 -1.91 -2.39 11.41
N LEU A 27 -0.82 -2.04 12.03
CA LEU A 27 -0.55 -2.54 13.41
C LEU A 27 -1.11 -1.57 14.45
N ILE A 28 -1.81 -0.55 14.02
CA ILE A 28 -2.39 0.42 15.00
C ILE A 28 -3.85 0.07 15.24
N ALA A 29 -4.26 -1.11 14.85
CA ALA A 29 -5.67 -1.53 15.06
C ALA A 29 -5.87 -2.89 14.40
N GLU A 30 -6.88 -3.61 14.78
CA GLU A 30 -7.09 -4.96 14.18
C GLU A 30 -5.82 -5.78 14.35
N ILE A 31 -5.79 -6.66 15.31
CA ILE A 31 -4.56 -7.49 15.53
C ILE A 31 -4.94 -8.97 15.50
N HIS A 32 -4.57 -9.66 14.46
CA HIS A 32 -4.89 -11.11 14.36
C HIS A 32 -6.28 -11.38 14.91
N THR A 33 -7.26 -10.63 14.45
CA THR A 33 -8.65 -10.85 14.96
C THR A 33 -9.62 -10.85 13.79
N ALA A 34 -9.44 -11.73 12.84
CA ALA A 34 -10.36 -11.78 11.67
C ALA A 34 -10.00 -12.98 10.79
N ALA A 1 1.10 -0.82 -21.05
CA ALA A 1 0.69 -0.90 -22.48
C ALA A 1 -0.10 -2.19 -22.70
N VAL A 2 0.56 -3.30 -22.81
CA VAL A 2 -0.15 -4.59 -23.03
C VAL A 2 -1.37 -4.66 -22.11
N SER A 3 -1.25 -4.13 -20.92
CA SER A 3 -2.41 -4.17 -19.97
C SER A 3 -2.42 -2.89 -19.13
N GLU A 4 -3.51 -2.61 -18.49
CA GLU A 4 -3.58 -1.38 -17.65
C GLU A 4 -3.11 -1.71 -16.24
N HIS A 5 -3.87 -2.47 -15.51
CA HIS A 5 -3.47 -2.82 -14.12
C HIS A 5 -1.99 -3.18 -14.09
N GLN A 6 -1.54 -3.99 -14.99
CA GLN A 6 -0.10 -4.34 -15.01
C GLN A 6 0.71 -3.07 -14.81
N LEU A 7 1.94 -3.20 -14.42
CA LEU A 7 2.78 -1.98 -14.21
C LEU A 7 2.37 -1.29 -12.90
N LEU A 8 1.09 -1.05 -12.69
CA LEU A 8 0.67 -0.39 -11.45
C LEU A 8 1.10 -1.24 -10.25
N HIS A 9 1.01 -2.54 -10.40
CA HIS A 9 1.42 -3.45 -9.28
C HIS A 9 2.92 -3.41 -9.18
N ASP A 10 3.57 -3.99 -10.16
CA ASP A 10 5.05 -3.95 -10.22
C ASP A 10 5.66 -3.88 -8.82
N LYS A 11 5.89 -5.02 -8.20
CA LYS A 11 6.47 -5.02 -6.83
C LYS A 11 7.63 -4.01 -6.78
N GLY A 12 7.39 -2.87 -6.19
CA GLY A 12 8.45 -1.83 -6.08
C GLY A 12 7.80 -0.46 -6.02
N LYS A 13 6.73 -0.28 -6.76
CA LYS A 13 6.03 1.02 -6.76
C LYS A 13 5.39 1.26 -5.40
N SER A 14 4.42 2.12 -5.35
CA SER A 14 3.79 2.40 -4.05
C SER A 14 2.70 1.38 -3.76
N ILE A 15 3.10 0.16 -3.81
CA ILE A 15 2.23 -0.98 -3.48
C ILE A 15 2.94 -1.62 -2.33
N GLN A 16 4.20 -1.85 -2.54
CA GLN A 16 5.07 -2.35 -1.46
C GLN A 16 5.02 -1.26 -0.41
N ASP A 17 4.83 -0.05 -0.87
CA ASP A 17 4.75 1.11 0.06
C ASP A 17 3.29 1.29 0.46
N LEU A 18 2.37 1.14 -0.47
CA LEU A 18 0.93 1.24 -0.09
C LEU A 18 0.77 0.37 1.16
N ARG A 19 1.61 -0.63 1.24
CA ARG A 19 1.63 -1.54 2.40
C ARG A 19 2.19 -0.76 3.58
N ARG A 20 3.32 -0.15 3.40
CA ARG A 20 3.90 0.63 4.52
C ARG A 20 2.99 1.83 4.79
N ARG A 21 2.29 2.27 3.78
CA ARG A 21 1.34 3.37 4.03
C ARG A 21 0.39 2.85 5.10
N PHE A 22 0.17 1.56 5.08
CA PHE A 22 -0.68 0.92 6.10
C PHE A 22 0.20 0.38 7.22
N PHE A 23 1.45 0.08 6.91
CA PHE A 23 2.42 -0.47 7.93
C PHE A 23 1.94 -0.13 9.35
N LEU A 24 2.03 1.12 9.71
CA LEU A 24 1.57 1.53 11.06
C LEU A 24 0.05 1.48 11.09
N HIS A 25 -0.59 1.92 10.04
CA HIS A 25 -2.07 1.88 10.00
C HIS A 25 -2.54 0.48 10.40
N HIS A 26 -1.90 -0.54 9.89
CA HIS A 26 -2.29 -1.92 10.24
C HIS A 26 -2.15 -2.13 11.76
N LEU A 27 -1.02 -1.79 12.30
CA LEU A 27 -0.82 -1.97 13.76
C LEU A 27 -1.40 -0.79 14.54
N ILE A 28 -2.22 0.01 13.90
CA ILE A 28 -2.81 1.18 14.61
C ILE A 28 -4.32 0.95 14.80
N ALA A 29 -4.86 -0.03 14.12
CA ALA A 29 -6.32 -0.30 14.27
C ALA A 29 -6.75 -1.36 13.24
N GLU A 30 -7.20 -2.49 13.71
CA GLU A 30 -7.65 -3.56 12.78
C GLU A 30 -8.40 -4.62 13.57
N ILE A 31 -9.64 -4.37 13.91
CA ILE A 31 -10.42 -5.37 14.68
C ILE A 31 -11.61 -5.85 13.85
N HIS A 32 -11.40 -6.04 12.59
CA HIS A 32 -12.50 -6.51 11.71
C HIS A 32 -13.77 -5.73 12.02
N THR A 33 -13.73 -4.43 11.86
CA THR A 33 -14.94 -3.61 12.15
C THR A 33 -15.45 -2.96 10.86
N ALA A 34 -16.50 -3.48 10.30
CA ALA A 34 -17.03 -2.90 9.04
C ALA A 34 -18.56 -2.85 9.10
N ALA A 1 -6.92 12.60 -8.58
CA ALA A 1 -7.34 13.38 -9.77
C ALA A 1 -6.98 14.85 -9.58
N VAL A 2 -7.19 15.38 -8.41
CA VAL A 2 -6.87 16.81 -8.15
C VAL A 2 -5.51 17.15 -8.78
N SER A 3 -4.57 16.25 -8.70
CA SER A 3 -3.23 16.53 -9.29
C SER A 3 -2.92 15.50 -10.38
N GLU A 4 -1.97 15.78 -11.22
CA GLU A 4 -1.61 14.82 -12.31
C GLU A 4 -0.64 13.77 -11.76
N HIS A 5 0.58 14.16 -11.49
CA HIS A 5 1.57 13.18 -10.95
C HIS A 5 0.90 12.30 -9.91
N GLN A 6 -0.10 12.80 -9.24
CA GLN A 6 -0.79 11.96 -8.23
C GLN A 6 -1.06 10.60 -8.86
N LEU A 7 -1.43 9.62 -8.10
CA LEU A 7 -1.65 8.29 -8.69
C LEU A 7 -0.31 7.76 -9.16
N LEU A 8 0.27 8.33 -10.19
CA LEU A 8 1.60 7.89 -10.61
C LEU A 8 2.49 8.01 -9.38
N HIS A 9 2.35 9.12 -8.73
CA HIS A 9 3.10 9.39 -7.49
C HIS A 9 3.06 8.16 -6.60
N ASP A 10 1.96 7.98 -5.92
CA ASP A 10 1.81 6.82 -5.02
C ASP A 10 1.39 5.59 -5.80
N LYS A 11 0.19 5.58 -6.32
CA LYS A 11 -0.29 4.41 -7.09
C LYS A 11 0.78 4.00 -8.10
N GLY A 12 1.68 3.16 -7.70
CA GLY A 12 2.76 2.71 -8.62
C GLY A 12 4.04 2.52 -7.81
N LYS A 13 4.24 3.32 -6.78
CA LYS A 13 5.44 3.16 -5.94
C LYS A 13 5.34 1.89 -5.19
N SER A 14 5.33 0.81 -5.92
CA SER A 14 5.23 -0.51 -5.30
C SER A 14 4.24 -0.44 -4.20
N ILE A 15 3.04 -0.90 -4.46
CA ILE A 15 1.98 -0.92 -3.41
C ILE A 15 2.69 -1.19 -2.10
N GLN A 16 3.70 -2.00 -2.21
CA GLN A 16 4.60 -2.29 -1.09
C GLN A 16 4.68 -1.03 -0.21
N ASP A 17 4.77 0.12 -0.85
CA ASP A 17 4.85 1.37 -0.06
C ASP A 17 3.45 1.87 0.27
N LEU A 18 2.55 1.90 -0.68
CA LEU A 18 1.16 2.33 -0.36
C LEU A 18 0.76 1.49 0.87
N ARG A 19 1.37 0.34 0.98
CA ARG A 19 1.13 -0.57 2.13
C ARG A 19 1.75 0.05 3.37
N ARG A 20 2.98 0.46 3.28
CA ARG A 20 3.63 1.06 4.47
C ARG A 20 2.82 2.26 4.94
N ARG A 21 2.23 2.99 4.05
CA ARG A 21 1.38 4.12 4.51
C ARG A 21 0.35 3.48 5.43
N PHE A 22 0.05 2.23 5.19
CA PHE A 22 -0.91 1.51 6.05
C PHE A 22 -0.14 0.71 7.11
N PHE A 23 1.10 0.39 6.81
CA PHE A 23 1.96 -0.40 7.77
C PHE A 23 1.47 -0.21 9.20
N LEU A 24 1.89 0.87 9.80
CA LEU A 24 1.46 1.17 11.20
C LEU A 24 -0.06 1.11 11.28
N HIS A 25 -0.74 1.58 10.27
CA HIS A 25 -2.23 1.55 10.31
C HIS A 25 -2.68 0.19 10.83
N HIS A 26 -2.08 -0.88 10.38
CA HIS A 26 -2.47 -2.23 10.86
C HIS A 26 -1.86 -2.47 12.22
N LEU A 27 -0.56 -2.32 12.28
CA LEU A 27 0.22 -2.55 13.52
C LEU A 27 -0.66 -2.39 14.76
N ILE A 28 -0.76 -1.19 15.28
CA ILE A 28 -1.62 -0.97 16.48
C ILE A 28 -3.02 -1.51 16.18
N ALA A 29 -3.84 -0.72 15.56
CA ALA A 29 -5.22 -1.18 15.24
C ALA A 29 -5.15 -2.35 14.27
N GLU A 30 -5.10 -3.55 14.78
CA GLU A 30 -5.02 -4.75 13.88
C GLU A 30 -6.42 -5.26 13.58
N ILE A 31 -6.60 -5.86 12.44
CA ILE A 31 -7.94 -6.38 12.07
C ILE A 31 -7.77 -7.70 11.31
N HIS A 32 -7.87 -8.80 12.00
CA HIS A 32 -7.70 -10.12 11.32
C HIS A 32 -7.56 -11.21 12.38
N THR A 33 -8.53 -11.32 13.25
CA THR A 33 -8.45 -12.38 14.32
C THR A 33 -9.87 -12.79 14.72
N ALA A 34 -10.05 -14.04 15.07
CA ALA A 34 -11.41 -14.50 15.48
C ALA A 34 -11.39 -14.87 16.97
N ALA A 1 0.31 -12.57 -25.99
CA ALA A 1 -0.68 -11.91 -25.09
C ALA A 1 -0.21 -10.49 -24.76
N VAL A 2 -0.91 -9.80 -23.90
CA VAL A 2 -0.51 -8.41 -23.54
C VAL A 2 1.01 -8.35 -23.34
N SER A 3 1.59 -7.20 -23.49
CA SER A 3 3.07 -7.08 -23.31
C SER A 3 3.47 -7.70 -21.97
N GLU A 4 4.69 -8.16 -21.87
CA GLU A 4 5.15 -8.79 -20.60
C GLU A 4 5.64 -7.71 -19.64
N HIS A 5 6.18 -6.65 -20.16
CA HIS A 5 6.68 -5.56 -19.28
C HIS A 5 5.68 -5.29 -18.15
N GLN A 6 4.40 -5.40 -18.43
CA GLN A 6 3.42 -5.15 -17.35
C GLN A 6 3.88 -5.89 -16.11
N LEU A 7 3.35 -5.58 -14.97
CA LEU A 7 3.82 -6.26 -13.73
C LEU A 7 5.25 -5.78 -13.48
N LEU A 8 6.19 -6.16 -14.32
CA LEU A 8 7.55 -5.65 -14.15
C LEU A 8 7.41 -4.14 -14.13
N HIS A 9 6.65 -3.65 -15.07
CA HIS A 9 6.40 -2.20 -15.17
C HIS A 9 6.18 -1.64 -13.76
N ASP A 10 4.99 -1.77 -13.26
CA ASP A 10 4.68 -1.24 -11.92
C ASP A 10 5.16 -2.23 -10.86
N LYS A 11 4.25 -2.87 -10.16
CA LYS A 11 4.64 -3.86 -9.11
C LYS A 11 5.91 -3.41 -8.39
N GLY A 12 6.12 -2.12 -8.27
CA GLY A 12 7.34 -1.62 -7.59
C GLY A 12 7.03 -0.28 -6.91
N LYS A 13 6.20 0.53 -7.52
CA LYS A 13 5.85 1.83 -6.92
C LYS A 13 5.24 1.64 -5.55
N SER A 14 4.49 2.60 -5.10
CA SER A 14 3.92 2.48 -3.75
C SER A 14 2.90 1.37 -3.69
N ILE A 15 3.36 0.19 -3.92
CA ILE A 15 2.51 -1.02 -3.83
C ILE A 15 3.08 -1.74 -2.63
N GLN A 16 4.38 -1.79 -2.58
CA GLN A 16 5.07 -2.33 -1.41
C GLN A 16 4.94 -1.25 -0.36
N ASP A 17 4.75 -0.04 -0.83
CA ASP A 17 4.58 1.11 0.09
C ASP A 17 3.10 1.23 0.47
N LEU A 18 2.20 0.98 -0.46
CA LEU A 18 0.75 1.06 -0.07
C LEU A 18 0.62 0.18 1.18
N ARG A 19 1.51 -0.77 1.27
CA ARG A 19 1.56 -1.69 2.42
C ARG A 19 2.11 -0.93 3.62
N ARG A 20 3.21 -0.25 3.45
CA ARG A 20 3.77 0.51 4.58
C ARG A 20 2.89 1.72 4.83
N ARG A 21 2.31 2.27 3.81
CA ARG A 21 1.36 3.40 4.03
C ARG A 21 0.36 2.86 5.05
N PHE A 22 0.16 1.57 5.02
CA PHE A 22 -0.75 0.91 5.97
C PHE A 22 0.06 0.38 7.15
N PHE A 23 1.31 0.02 6.89
CA PHE A 23 2.21 -0.54 7.97
C PHE A 23 1.73 -0.08 9.35
N LEU A 24 2.12 1.10 9.76
CA LEU A 24 1.70 1.60 11.09
C LEU A 24 0.17 1.57 11.18
N HIS A 25 -0.51 2.02 10.15
CA HIS A 25 -2.00 2.01 10.21
C HIS A 25 -2.47 0.61 10.60
N HIS A 26 -2.04 -0.39 9.89
CA HIS A 26 -2.45 -1.77 10.25
C HIS A 26 -2.12 -2.02 11.71
N LEU A 27 -0.90 -1.75 12.10
CA LEU A 27 -0.50 -1.95 13.51
C LEU A 27 -1.04 -0.80 14.35
N ILE A 28 -0.89 -0.88 15.64
CA ILE A 28 -1.40 0.20 16.54
C ILE A 28 -2.76 0.71 16.05
N ALA A 29 -3.50 -0.09 15.32
CA ALA A 29 -4.84 0.34 14.84
C ALA A 29 -4.68 1.55 13.91
N GLU A 30 -5.68 1.81 13.10
CA GLU A 30 -5.60 2.97 12.18
C GLU A 30 -6.93 3.72 12.22
N ILE A 31 -7.27 4.29 13.35
CA ILE A 31 -8.55 5.03 13.47
C ILE A 31 -8.27 6.53 13.59
N HIS A 32 -7.29 6.99 12.89
CA HIS A 32 -6.96 8.44 12.97
C HIS A 32 -8.23 9.27 12.87
N THR A 33 -8.63 9.91 13.94
CA THR A 33 -9.87 10.73 13.90
C THR A 33 -11.09 9.81 13.93
N ALA A 34 -11.98 10.01 14.86
CA ALA A 34 -13.20 9.15 14.95
C ALA A 34 -14.42 9.96 14.53
N ALA A 1 -0.41 -14.77 -24.34
CA ALA A 1 -0.13 -13.32 -24.51
C ALA A 1 0.40 -12.74 -23.20
N VAL A 2 1.61 -12.28 -23.20
CA VAL A 2 2.20 -11.71 -21.94
C VAL A 2 1.16 -10.81 -21.26
N SER A 3 1.31 -10.60 -19.98
CA SER A 3 0.34 -9.72 -19.25
C SER A 3 0.48 -8.28 -19.76
N GLU A 4 -0.59 -7.54 -19.75
CA GLU A 4 -0.52 -6.13 -20.23
C GLU A 4 -0.10 -5.22 -19.07
N HIS A 5 -0.98 -4.96 -18.15
CA HIS A 5 -0.63 -4.07 -17.01
C HIS A 5 0.75 -4.42 -16.48
N GLN A 6 1.14 -5.67 -16.57
CA GLN A 6 2.50 -6.04 -16.08
C GLN A 6 3.49 -5.01 -16.65
N LEU A 7 4.71 -5.01 -16.19
CA LEU A 7 5.66 -3.99 -16.71
C LEU A 7 5.26 -2.65 -16.10
N LEU A 8 4.08 -2.18 -16.41
CA LEU A 8 3.61 -0.93 -15.83
C LEU A 8 3.17 -1.24 -14.40
N HIS A 9 2.57 -2.38 -14.22
CA HIS A 9 2.09 -2.80 -12.90
C HIS A 9 3.24 -2.78 -11.89
N ASP A 10 4.47 -2.79 -12.39
CA ASP A 10 5.68 -2.74 -11.53
C ASP A 10 5.37 -3.07 -10.05
N LYS A 11 5.78 -4.22 -9.59
CA LYS A 11 5.52 -4.60 -8.18
C LYS A 11 6.39 -3.79 -7.20
N GLY A 12 7.07 -2.77 -7.67
CA GLY A 12 7.91 -1.96 -6.75
C GLY A 12 7.24 -0.61 -6.52
N LYS A 13 6.20 -0.32 -7.26
CA LYS A 13 5.48 0.96 -7.10
C LYS A 13 5.04 1.14 -5.67
N SER A 14 4.14 2.05 -5.42
CA SER A 14 3.70 2.26 -4.03
C SER A 14 2.64 1.25 -3.66
N ILE A 15 2.97 0.03 -3.86
CA ILE A 15 2.09 -1.10 -3.48
C ILE A 15 2.84 -1.75 -2.35
N GLN A 16 4.11 -1.93 -2.58
CA GLN A 16 5.01 -2.42 -1.54
C GLN A 16 5.04 -1.32 -0.50
N ASP A 17 4.82 -0.11 -0.98
CA ASP A 17 4.80 1.06 -0.06
C ASP A 17 3.37 1.25 0.44
N LEU A 18 2.38 1.10 -0.41
CA LEU A 18 0.98 1.23 0.09
C LEU A 18 0.90 0.38 1.35
N ARG A 19 1.70 -0.65 1.37
CA ARG A 19 1.78 -1.55 2.54
C ARG A 19 2.31 -0.74 3.71
N ARG A 20 3.41 -0.07 3.53
CA ARG A 20 3.95 0.75 4.64
C ARG A 20 2.99 1.92 4.86
N ARG A 21 2.35 2.37 3.82
CA ARG A 21 1.35 3.45 4.01
C ARG A 21 0.40 2.91 5.07
N PHE A 22 0.25 1.61 5.08
CA PHE A 22 -0.60 0.96 6.09
C PHE A 22 0.28 0.54 7.27
N PHE A 23 1.53 0.25 6.98
CA PHE A 23 2.52 -0.19 8.05
C PHE A 23 1.99 0.14 9.44
N LEU A 24 2.01 1.40 9.81
CA LEU A 24 1.51 1.79 11.15
C LEU A 24 -0.02 1.69 11.17
N HIS A 25 -0.67 2.08 10.11
CA HIS A 25 -2.16 1.98 10.08
C HIS A 25 -2.57 0.53 10.32
N HIS A 26 -1.81 -0.40 9.80
CA HIS A 26 -2.14 -1.84 10.00
C HIS A 26 -2.08 -2.18 11.49
N LEU A 27 -0.92 -2.07 12.07
CA LEU A 27 -0.79 -2.39 13.53
C LEU A 27 -1.89 -1.66 14.31
N ILE A 28 -1.93 -0.37 14.23
CA ILE A 28 -2.99 0.39 14.95
C ILE A 28 -4.34 0.16 14.26
N ALA A 29 -4.66 0.97 13.28
CA ALA A 29 -5.95 0.79 12.57
C ALA A 29 -6.06 -0.66 12.08
N GLU A 30 -7.23 -1.08 11.67
CA GLU A 30 -7.40 -2.47 11.18
C GLU A 30 -6.60 -3.43 12.06
N ILE A 31 -7.09 -3.70 13.24
CA ILE A 31 -6.38 -4.63 14.15
C ILE A 31 -7.13 -5.95 14.24
N HIS A 32 -6.49 -7.01 13.88
CA HIS A 32 -7.15 -8.34 13.93
C HIS A 32 -6.22 -9.40 13.34
N THR A 33 -6.22 -10.59 13.88
CA THR A 33 -5.34 -11.65 13.35
C THR A 33 -6.02 -12.33 12.16
N ALA A 34 -5.42 -12.26 11.00
CA ALA A 34 -6.03 -12.90 9.80
C ALA A 34 -5.76 -14.41 9.83
N ALA A 1 1.59 -6.85 -21.90
CA ALA A 1 1.98 -7.99 -21.03
C ALA A 1 0.75 -8.59 -20.37
N VAL A 2 0.92 -9.66 -19.64
CA VAL A 2 -0.26 -10.29 -18.96
C VAL A 2 -1.12 -9.20 -18.33
N SER A 3 -2.37 -9.50 -18.05
CA SER A 3 -3.28 -8.51 -17.43
C SER A 3 -3.01 -7.12 -18.01
N GLU A 4 -3.74 -6.73 -19.02
CA GLU A 4 -3.53 -5.39 -19.62
C GLU A 4 -3.34 -4.35 -18.53
N HIS A 5 -4.11 -4.42 -17.48
CA HIS A 5 -3.98 -3.44 -16.38
C HIS A 5 -2.52 -3.23 -16.04
N GLN A 6 -1.66 -4.18 -16.34
CA GLN A 6 -0.23 -3.99 -16.04
C GLN A 6 0.17 -2.63 -16.60
N LEU A 7 1.37 -2.18 -16.38
CA LEU A 7 1.74 -0.85 -16.90
C LEU A 7 0.96 0.16 -16.06
N LEU A 8 -0.34 0.22 -16.22
CA LEU A 8 -1.13 1.12 -15.38
C LEU A 8 -1.01 0.55 -13.97
N HIS A 9 -1.08 -0.75 -13.88
CA HIS A 9 -0.96 -1.43 -12.58
C HIS A 9 0.51 -1.76 -12.31
N ASP A 10 1.40 -0.87 -12.69
CA ASP A 10 2.85 -1.11 -12.47
C ASP A 10 3.09 -1.86 -11.17
N LYS A 11 3.19 -3.16 -11.22
CA LYS A 11 3.42 -3.94 -9.98
C LYS A 11 4.81 -3.62 -9.42
N GLY A 12 4.89 -2.78 -8.44
CA GLY A 12 6.21 -2.42 -7.85
C GLY A 12 6.15 -1.02 -7.27
N LYS A 13 5.35 -0.16 -7.83
CA LYS A 13 5.25 1.23 -7.31
C LYS A 13 4.83 1.22 -5.86
N SER A 14 4.24 2.28 -5.42
CA SER A 14 3.85 2.33 -4.01
C SER A 14 2.73 1.35 -3.72
N ILE A 15 3.02 0.12 -3.92
CA ILE A 15 2.08 -0.97 -3.64
C ILE A 15 2.76 -1.73 -2.52
N GLN A 16 4.05 -1.89 -2.67
CA GLN A 16 4.86 -2.50 -1.61
C GLN A 16 4.97 -1.42 -0.56
N ASP A 17 4.85 -0.18 -1.00
CA ASP A 17 4.91 0.96 -0.05
C ASP A 17 3.49 1.24 0.43
N LEU A 18 2.50 1.13 -0.44
CA LEU A 18 1.10 1.35 0.04
C LEU A 18 0.95 0.49 1.29
N ARG A 19 1.70 -0.58 1.34
CA ARG A 19 1.70 -1.49 2.50
C ARG A 19 2.21 -0.71 3.70
N ARG A 20 3.42 -0.25 3.65
CA ARG A 20 3.94 0.54 4.79
C ARG A 20 3.04 1.76 4.96
N ARG A 21 2.44 2.23 3.89
CA ARG A 21 1.50 3.36 4.06
C ARG A 21 0.48 2.87 5.08
N PHE A 22 0.23 1.59 5.05
CA PHE A 22 -0.69 0.97 6.03
C PHE A 22 0.14 0.51 7.22
N PHE A 23 1.41 0.22 6.97
CA PHE A 23 2.35 -0.26 8.06
C PHE A 23 1.79 0.10 9.43
N LEU A 24 1.82 1.37 9.75
CA LEU A 24 1.29 1.83 11.06
C LEU A 24 -0.22 1.66 11.06
N HIS A 25 -0.88 2.03 9.99
CA HIS A 25 -2.36 1.86 9.94
C HIS A 25 -2.68 0.43 10.39
N HIS A 26 -1.96 -0.54 9.88
CA HIS A 26 -2.20 -1.93 10.27
C HIS A 26 -1.92 -2.12 11.77
N LEU A 27 -0.70 -1.89 12.17
CA LEU A 27 -0.34 -2.04 13.61
C LEU A 27 -1.45 -1.42 14.46
N ILE A 28 -1.99 -0.31 14.04
CA ILE A 28 -3.08 0.33 14.83
C ILE A 28 -4.43 -0.30 14.44
N ALA A 29 -4.93 0.04 13.28
CA ALA A 29 -6.22 -0.55 12.84
C ALA A 29 -6.01 -2.01 12.43
N GLU A 30 -6.66 -2.92 13.08
CA GLU A 30 -6.48 -4.36 12.72
C GLU A 30 -7.40 -5.21 13.59
N ILE A 31 -8.68 -5.15 13.37
CA ILE A 31 -9.62 -5.97 14.18
C ILE A 31 -10.32 -6.98 13.27
N HIS A 32 -10.12 -8.24 13.53
CA HIS A 32 -10.77 -9.29 12.68
C HIS A 32 -12.27 -9.04 12.60
N THR A 33 -12.70 -8.24 11.68
CA THR A 33 -14.16 -7.96 11.55
C THR A 33 -14.73 -8.79 10.40
N ALA A 34 -14.47 -10.07 10.39
CA ALA A 34 -15.01 -10.92 9.30
C ALA A 34 -15.33 -12.31 9.85
N ALA A 1 -0.89 -13.77 -9.95
CA ALA A 1 -0.77 -14.50 -11.24
C ALA A 1 0.20 -13.75 -12.15
N VAL A 2 1.33 -14.34 -12.45
CA VAL A 2 2.32 -13.66 -13.34
C VAL A 2 1.59 -13.02 -14.51
N SER A 3 2.02 -11.86 -14.92
CA SER A 3 1.35 -11.18 -16.06
C SER A 3 2.41 -10.46 -16.90
N GLU A 4 2.03 -9.95 -18.05
CA GLU A 4 3.01 -9.25 -18.91
C GLU A 4 3.36 -7.90 -18.28
N HIS A 5 2.36 -7.21 -17.78
CA HIS A 5 2.63 -5.89 -17.16
C HIS A 5 3.72 -6.00 -16.12
N GLN A 6 3.99 -7.19 -15.64
CA GLN A 6 5.07 -7.35 -14.63
C GLN A 6 6.28 -6.58 -15.14
N LEU A 7 7.29 -6.41 -14.33
CA LEU A 7 8.47 -5.62 -14.80
C LEU A 7 7.99 -4.18 -14.91
N LEU A 8 7.13 -3.89 -15.85
CA LEU A 8 6.59 -2.54 -15.93
C LEU A 8 5.81 -2.34 -14.64
N HIS A 9 5.22 -3.40 -14.17
CA HIS A 9 4.43 -3.37 -12.94
C HIS A 9 5.34 -3.69 -11.73
N ASP A 10 6.57 -3.25 -11.79
CA ASP A 10 7.55 -3.49 -10.68
C ASP A 10 6.81 -3.70 -9.35
N LYS A 11 7.05 -4.80 -8.69
CA LYS A 11 6.36 -5.07 -7.40
C LYS A 11 7.05 -4.31 -6.25
N GLY A 12 7.91 -3.37 -6.56
CA GLY A 12 8.60 -2.61 -5.48
C GLY A 12 8.05 -1.19 -5.44
N LYS A 13 7.36 -0.78 -6.47
CA LYS A 13 6.79 0.59 -6.50
C LYS A 13 5.91 0.81 -5.29
N SER A 14 5.11 1.82 -5.33
CA SER A 14 4.26 2.11 -4.15
C SER A 14 3.19 1.04 -3.98
N ILE A 15 3.66 -0.14 -3.78
CA ILE A 15 2.77 -1.29 -3.51
C ILE A 15 3.20 -1.73 -2.14
N GLN A 16 4.49 -1.86 -2.00
CA GLN A 16 5.07 -2.15 -0.68
C GLN A 16 4.70 -0.93 0.15
N ASP A 17 4.63 0.21 -0.50
CA ASP A 17 4.29 1.46 0.21
C ASP A 17 2.77 1.59 0.28
N LEU A 18 2.05 1.25 -0.76
CA LEU A 18 0.57 1.30 -0.62
C LEU A 18 0.25 0.50 0.63
N ARG A 19 1.17 -0.38 0.96
CA ARG A 19 1.10 -1.24 2.15
C ARG A 19 1.78 -0.52 3.30
N ARG A 20 3.05 -0.27 3.16
CA ARG A 20 3.77 0.41 4.24
C ARG A 20 2.99 1.67 4.62
N ARG A 21 2.19 2.17 3.73
CA ARG A 21 1.37 3.35 4.10
C ARG A 21 0.50 2.89 5.25
N PHE A 22 -0.06 1.72 5.11
CA PHE A 22 -0.88 1.15 6.19
C PHE A 22 0.04 0.48 7.20
N PHE A 23 1.26 0.17 6.78
CA PHE A 23 2.25 -0.50 7.71
C PHE A 23 1.94 -0.15 9.17
N LEU A 24 2.20 1.07 9.54
CA LEU A 24 1.93 1.48 10.94
C LEU A 24 0.42 1.53 11.19
N HIS A 25 -0.33 2.01 10.26
CA HIS A 25 -1.81 2.08 10.46
C HIS A 25 -2.33 0.68 10.79
N HIS A 26 -1.87 -0.32 10.08
CA HIS A 26 -2.33 -1.70 10.35
C HIS A 26 -2.13 -2.04 11.83
N LEU A 27 -0.91 -2.25 12.22
CA LEU A 27 -0.63 -2.57 13.65
C LEU A 27 -1.23 -1.49 14.55
N ILE A 28 -1.36 -0.30 14.05
CA ILE A 28 -1.94 0.79 14.88
C ILE A 28 -3.29 1.21 14.29
N ALA A 29 -4.34 0.53 14.65
CA ALA A 29 -5.69 0.87 14.10
C ALA A 29 -5.81 0.33 12.68
N GLU A 30 -5.92 -0.96 12.54
CA GLU A 30 -6.05 -1.55 11.17
C GLU A 30 -7.51 -1.54 10.74
N ILE A 31 -7.87 -0.70 9.82
CA ILE A 31 -9.28 -0.64 9.35
C ILE A 31 -9.45 -1.51 8.11
N HIS A 32 -10.12 -2.60 8.24
CA HIS A 32 -10.32 -3.50 7.07
C HIS A 32 -10.97 -2.72 5.92
N THR A 33 -10.22 -2.39 4.91
CA THR A 33 -10.79 -1.62 3.76
C THR A 33 -11.61 -0.45 4.30
N ALA A 34 -12.32 0.23 3.44
CA ALA A 34 -13.14 1.38 3.91
C ALA A 34 -12.23 2.46 4.48
N ALA A 1 12.97 -11.66 -15.39
CA ALA A 1 13.17 -10.29 -14.81
C ALA A 1 12.83 -9.26 -15.88
N VAL A 2 12.32 -8.12 -15.48
CA VAL A 2 11.98 -7.07 -16.46
C VAL A 2 11.11 -7.65 -17.57
N SER A 3 10.51 -8.77 -17.32
CA SER A 3 9.65 -9.41 -18.36
C SER A 3 8.63 -8.38 -18.87
N GLU A 4 8.05 -8.63 -20.01
CA GLU A 4 7.06 -7.66 -20.56
C GLU A 4 6.02 -7.34 -19.48
N HIS A 5 5.64 -8.32 -18.70
CA HIS A 5 4.63 -8.09 -17.64
C HIS A 5 5.01 -6.86 -16.82
N GLN A 6 6.26 -6.53 -16.75
CA GLN A 6 6.65 -5.33 -15.96
C GLN A 6 5.71 -4.19 -16.36
N LEU A 7 5.78 -3.08 -15.69
CA LEU A 7 4.86 -1.97 -16.04
C LEU A 7 3.44 -2.40 -15.64
N LEU A 8 2.93 -3.44 -16.24
CA LEU A 8 1.62 -3.93 -15.87
C LEU A 8 1.78 -4.71 -14.56
N HIS A 9 2.91 -5.35 -14.42
CA HIS A 9 3.23 -6.14 -13.22
C HIS A 9 3.57 -5.21 -12.05
N ASP A 10 3.64 -3.92 -12.31
CA ASP A 10 3.94 -2.92 -11.26
C ASP A 10 4.71 -3.54 -10.09
N LYS A 11 4.00 -4.07 -9.11
CA LYS A 11 4.67 -4.69 -7.93
C LYS A 11 5.94 -3.93 -7.56
N GLY A 12 5.97 -2.65 -7.81
CA GLY A 12 7.16 -1.84 -7.45
C GLY A 12 6.71 -0.47 -6.97
N LYS A 13 5.68 0.07 -7.56
CA LYS A 13 5.19 1.40 -7.15
C LYS A 13 4.78 1.41 -5.71
N SER A 14 4.06 2.40 -5.30
CA SER A 14 3.67 2.47 -3.89
C SER A 14 2.60 1.45 -3.57
N ILE A 15 2.94 0.23 -3.79
CA ILE A 15 2.07 -0.91 -3.47
C ILE A 15 2.86 -1.62 -2.40
N GLN A 16 4.13 -1.79 -2.68
CA GLN A 16 5.04 -2.34 -1.67
C GLN A 16 5.06 -1.29 -0.58
N ASP A 17 4.85 -0.05 -0.98
CA ASP A 17 4.81 1.06 0.01
C ASP A 17 3.37 1.21 0.49
N LEU A 18 2.41 1.04 -0.38
CA LEU A 18 0.99 1.12 0.09
C LEU A 18 0.91 0.23 1.33
N ARG A 19 1.76 -0.75 1.35
CA ARG A 19 1.86 -1.67 2.51
C ARG A 19 2.47 -0.88 3.66
N ARG A 20 3.57 -0.23 3.42
CA ARG A 20 4.20 0.59 4.47
C ARG A 20 3.35 1.85 4.67
N ARG A 21 2.36 2.01 3.84
CA ARG A 21 1.44 3.16 4.01
C ARG A 21 0.46 2.71 5.07
N PHE A 22 0.13 1.44 5.02
CA PHE A 22 -0.75 0.87 6.05
C PHE A 22 0.13 0.43 7.22
N PHE A 23 1.41 0.21 6.92
CA PHE A 23 2.40 -0.21 7.96
C PHE A 23 1.89 0.11 9.36
N LEU A 24 1.93 1.36 9.75
CA LEU A 24 1.44 1.75 11.09
C LEU A 24 -0.09 1.69 11.09
N HIS A 25 -0.71 2.01 9.99
CA HIS A 25 -2.20 1.96 9.93
C HIS A 25 -2.67 0.56 10.31
N HIS A 26 -1.93 -0.45 9.91
CA HIS A 26 -2.34 -1.83 10.24
C HIS A 26 -2.22 -2.08 11.75
N LEU A 27 -1.02 -1.94 12.27
CA LEU A 27 -0.83 -2.18 13.72
C LEU A 27 -1.45 -1.04 14.55
N ILE A 28 -1.78 0.05 13.91
CA ILE A 28 -2.41 1.18 14.67
C ILE A 28 -3.82 1.43 14.17
N ALA A 29 -4.63 0.40 14.07
CA ALA A 29 -6.02 0.58 13.59
C ALA A 29 -6.59 -0.76 13.15
N GLU A 30 -7.81 -0.77 12.68
CA GLU A 30 -8.42 -2.06 12.23
C GLU A 30 -8.22 -3.12 13.32
N ILE A 31 -8.96 -3.00 14.38
CA ILE A 31 -8.84 -3.99 15.49
C ILE A 31 -10.21 -4.21 16.11
N HIS A 32 -11.21 -4.36 15.28
CA HIS A 32 -12.59 -4.56 15.79
C HIS A 32 -12.58 -5.47 17.02
N THR A 33 -12.78 -4.91 18.17
CA THR A 33 -12.78 -5.72 19.42
C THR A 33 -14.22 -5.84 19.94
N ALA A 34 -15.06 -6.52 19.23
CA ALA A 34 -16.48 -6.66 19.69
C ALA A 34 -16.78 -8.15 19.91
N ALA A 1 13.59 5.04 -21.26
CA ALA A 1 12.30 5.20 -20.53
C ALA A 1 12.05 3.96 -19.67
N VAL A 2 10.88 3.86 -19.09
CA VAL A 2 10.57 2.68 -18.23
C VAL A 2 11.07 1.41 -18.92
N SER A 3 11.28 0.36 -18.17
CA SER A 3 11.76 -0.91 -18.79
C SER A 3 10.56 -1.74 -19.26
N GLU A 4 10.79 -2.94 -19.69
CA GLU A 4 9.67 -3.79 -20.17
C GLU A 4 9.25 -4.78 -19.08
N HIS A 5 10.14 -5.65 -18.68
CA HIS A 5 9.80 -6.65 -17.64
C HIS A 5 9.44 -5.95 -16.32
N GLN A 6 9.67 -4.66 -16.23
CA GLN A 6 9.34 -3.94 -14.97
C GLN A 6 7.88 -3.53 -14.96
N LEU A 7 7.09 -4.16 -15.76
CA LEU A 7 5.64 -3.87 -15.82
C LEU A 7 4.92 -4.90 -14.98
N LEU A 8 4.93 -6.13 -15.42
CA LEU A 8 4.30 -7.20 -14.64
C LEU A 8 5.05 -7.31 -13.32
N HIS A 9 6.35 -7.28 -13.39
CA HIS A 9 7.18 -7.38 -12.17
C HIS A 9 6.74 -6.34 -11.14
N ASP A 10 6.65 -5.10 -11.53
CA ASP A 10 6.22 -4.03 -10.61
C ASP A 10 6.56 -4.36 -9.16
N LYS A 11 5.62 -4.85 -8.40
CA LYS A 11 5.89 -5.21 -6.97
C LYS A 11 6.93 -4.26 -6.36
N GLY A 12 6.95 -3.04 -6.79
CA GLY A 12 7.95 -2.07 -6.25
C GLY A 12 7.30 -0.69 -6.11
N LYS A 13 6.40 -0.35 -7.00
CA LYS A 13 5.74 0.97 -6.91
C LYS A 13 5.10 1.15 -5.55
N SER A 14 4.21 2.08 -5.42
CA SER A 14 3.62 2.28 -4.09
C SER A 14 2.57 1.23 -3.80
N ILE A 15 3.02 0.03 -3.82
CA ILE A 15 2.18 -1.14 -3.49
C ILE A 15 2.91 -1.76 -2.32
N GLN A 16 4.18 -1.91 -2.51
CA GLN A 16 5.06 -2.38 -1.43
C GLN A 16 5.03 -1.26 -0.40
N ASP A 17 4.82 -0.06 -0.90
CA ASP A 17 4.74 1.12 0.00
C ASP A 17 3.29 1.30 0.42
N LEU A 18 2.36 1.05 -0.46
CA LEU A 18 0.93 1.15 -0.04
C LEU A 18 0.82 0.34 1.23
N ARG A 19 1.68 -0.63 1.34
CA ARG A 19 1.75 -1.49 2.54
C ARG A 19 2.33 -0.65 3.67
N ARG A 20 3.51 -0.13 3.47
CA ARG A 20 4.12 0.72 4.53
C ARG A 20 3.26 1.96 4.72
N ARG A 21 2.34 2.19 3.82
CA ARG A 21 1.42 3.33 4.02
C ARG A 21 0.46 2.88 5.09
N PHE A 22 0.17 1.61 5.10
CA PHE A 22 -0.70 1.03 6.15
C PHE A 22 0.19 0.55 7.30
N PHE A 23 1.45 0.31 6.98
CA PHE A 23 2.45 -0.17 8.02
C PHE A 23 1.97 0.18 9.42
N LEU A 24 1.98 1.44 9.75
CA LEU A 24 1.52 1.88 11.10
C LEU A 24 -0.01 1.83 11.16
N HIS A 25 -0.66 2.14 10.06
CA HIS A 25 -2.15 2.12 10.07
C HIS A 25 -2.68 0.68 10.20
N HIS A 26 -1.83 -0.29 10.01
CA HIS A 26 -2.28 -1.70 10.11
C HIS A 26 -2.20 -2.21 11.56
N LEU A 27 -1.02 -2.29 12.10
CA LEU A 27 -0.88 -2.82 13.49
C LEU A 27 -1.52 -1.87 14.52
N ILE A 28 -2.05 -0.75 14.09
CA ILE A 28 -2.69 0.17 15.08
C ILE A 28 -4.20 -0.08 15.13
N ALA A 29 -4.67 -1.05 14.39
CA ALA A 29 -6.14 -1.35 14.40
C ALA A 29 -6.46 -2.38 13.33
N GLU A 30 -6.27 -3.64 13.64
CA GLU A 30 -6.57 -4.70 12.64
C GLU A 30 -7.47 -5.75 13.28
N ILE A 31 -8.53 -5.33 13.91
CA ILE A 31 -9.43 -6.31 14.57
C ILE A 31 -10.37 -6.91 13.53
N HIS A 32 -10.33 -8.20 13.40
CA HIS A 32 -11.20 -8.88 12.41
C HIS A 32 -11.86 -10.10 13.06
N THR A 33 -12.52 -9.92 14.17
CA THR A 33 -13.18 -11.08 14.85
C THR A 33 -14.67 -10.79 15.00
N ALA A 34 -15.50 -11.56 14.36
CA ALA A 34 -16.97 -11.33 14.47
C ALA A 34 -17.70 -12.68 14.46
#